data_4OVF
#
_entry.id   4OVF
#
_cell.length_a   79.868
_cell.length_b   67.258
_cell.length_c   81.192
_cell.angle_alpha   90.000
_cell.angle_beta   114.270
_cell.angle_gamma   90.000
#
_symmetry.space_group_name_H-M   'P 1 21 1'
#
loop_
_entity.id
_entity.type
_entity.pdbx_description
1 polymer 'DNA polymerase III subunit beta'
2 non-polymer 'TETRAETHYLENE GLYCOL'
3 non-polymer DI(HYDROXYETHYL)ETHER
4 non-polymer 'CALCIUM ION'
5 non-polymer '(2R)-6-chloro-2,3,4,9-tetrahydro-1H-carbazole-2-carboxylic acid'
6 non-polymer 'CHLORIDE ION'
7 non-polymer 'TRIETHYLENE GLYCOL'
8 water water
#
_entity_poly.entity_id   1
_entity_poly.type   'polypeptide(L)'
_entity_poly.pdbx_seq_one_letter_code
;MKFTVEREHLLKPLQQVSGPLGGRPTLPILGNLLLQVADGTLSLTGTDLEMEMVARVALVQPHEPGATTVPARKFFDICR
GLPEGAEIAVQLEGERMLVRSGRSRFSLSTLPAADFPNLDDWQSEVEFTLPQATMKRLIEATQFSMAHQDVRYYLNGMLF
ETEGEELRTVATDGHRLAVCSMPIGQSLPSHSVIVPRKGVIELMRMLDGGDNPLRVQIGSNNIRAHVGDFIFTSKLVDGR
FPDYRRVLPKNPDKHLEAGCDLLKQAFARAAILSNEKFRGVRLYVSENQLKITANNPEQEEAEEILDVTYSGAEMEIGFN
VSYVLDVLNALKCENVRMMLTDSVSSVQIEDAASQSAAYVVMPMRL
;
_entity_poly.pdbx_strand_id   A,B
#
# COMPACT_ATOMS: atom_id res chain seq x y z
N MET A 1 -37.62 -15.42 1.58
CA MET A 1 -36.36 -15.43 2.39
C MET A 1 -36.26 -14.12 3.16
N LYS A 2 -36.18 -14.22 4.49
CA LYS A 2 -36.00 -13.07 5.38
C LYS A 2 -35.06 -13.44 6.51
N PHE A 3 -34.22 -12.50 6.92
CA PHE A 3 -33.43 -12.64 8.15
C PHE A 3 -32.99 -11.28 8.69
N THR A 4 -32.79 -11.23 10.00
CA THR A 4 -32.30 -10.04 10.66
C THR A 4 -31.11 -10.43 11.52
N VAL A 5 -29.95 -9.84 11.25
CA VAL A 5 -28.71 -10.20 11.94
C VAL A 5 -27.87 -8.99 12.31
N GLU A 6 -27.05 -9.15 13.34
CA GLU A 6 -26.09 -8.15 13.78
C GLU A 6 -25.02 -7.96 12.71
N ARG A 7 -24.61 -6.72 12.49
CA ARG A 7 -23.54 -6.41 11.54
C ARG A 7 -22.30 -7.28 11.78
N GLU A 8 -21.89 -7.33 13.03
CA GLU A 8 -20.66 -8.02 13.45
C GLU A 8 -20.67 -9.53 13.20
N HIS A 9 -21.87 -10.12 13.14
CA HIS A 9 -22.01 -11.53 12.80
C HIS A 9 -21.95 -11.76 11.30
N LEU A 10 -22.22 -10.72 10.52
CA LEU A 10 -22.18 -10.80 9.06
C LEU A 10 -20.82 -10.48 8.44
N LEU A 11 -20.06 -9.59 9.07
CA LEU A 11 -18.84 -9.03 8.47
C LEU A 11 -17.79 -10.07 8.09
N LYS A 12 -17.28 -10.80 9.08
CA LYS A 12 -16.21 -11.78 8.83
C LYS A 12 -16.63 -12.89 7.85
N PRO A 13 -17.85 -13.47 8.00
CA PRO A 13 -18.33 -14.40 6.98
C PRO A 13 -18.34 -13.81 5.57
N LEU A 14 -18.88 -12.59 5.42
CA LEU A 14 -18.90 -11.91 4.12
C LEU A 14 -17.50 -11.73 3.56
N GLN A 15 -16.59 -11.26 4.41
CA GLN A 15 -15.18 -11.11 4.07
C GLN A 15 -14.56 -12.41 3.58
N GLN A 16 -14.81 -13.50 4.31
CA GLN A 16 -14.25 -14.80 3.96
C GLN A 16 -14.78 -15.34 2.63
N VAL A 17 -16.08 -15.21 2.40
CA VAL A 17 -16.69 -15.71 1.18
C VAL A 17 -16.50 -14.77 -0.02
N SER A 18 -16.23 -13.50 0.27
CA SER A 18 -16.16 -12.45 -0.76
C SER A 18 -14.87 -12.40 -1.58
N GLY A 19 -13.74 -12.78 -0.97
CA GLY A 19 -12.44 -12.68 -1.62
C GLY A 19 -12.10 -13.83 -2.55
N PRO A 20 -12.00 -13.58 -3.87
CA PRO A 20 -11.99 -12.33 -4.65
C PRO A 20 -12.60 -11.11 -3.97
N PRO A 25 -16.01 -11.10 -12.67
CA PRO A 25 -15.95 -12.26 -13.56
C PRO A 25 -16.71 -11.99 -14.86
N THR A 26 -16.33 -12.69 -15.94
CA THR A 26 -17.04 -12.55 -17.22
C THR A 26 -18.39 -13.28 -17.18
N LEU A 27 -18.44 -14.36 -16.40
CA LEU A 27 -19.69 -15.04 -16.09
C LEU A 27 -20.22 -14.41 -14.81
N PRO A 28 -21.27 -13.58 -14.93
CA PRO A 28 -21.74 -12.69 -13.86
C PRO A 28 -22.01 -13.37 -12.52
N ILE A 29 -22.70 -14.51 -12.53
CA ILE A 29 -23.10 -15.14 -11.27
C ILE A 29 -21.92 -15.47 -10.35
N LEU A 30 -20.71 -15.58 -10.91
CA LEU A 30 -19.51 -15.83 -10.11
C LEU A 30 -19.18 -14.61 -9.25
N GLY A 31 -19.75 -13.46 -9.60
CA GLY A 31 -19.60 -12.24 -8.84
C GLY A 31 -20.60 -12.14 -7.69
N ASN A 32 -21.51 -13.10 -7.62
CA ASN A 32 -22.56 -13.13 -6.62
C ASN A 32 -22.29 -14.11 -5.49
N LEU A 33 -22.82 -13.78 -4.31
CA LEU A 33 -22.88 -14.71 -3.19
C LEU A 33 -24.23 -15.39 -3.16
N LEU A 34 -24.21 -16.70 -2.94
CA LEU A 34 -25.41 -17.48 -2.71
C LEU A 34 -25.80 -17.34 -1.25
N LEU A 35 -27.03 -16.87 -1.01
CA LEU A 35 -27.57 -16.76 0.35
C LEU A 35 -28.69 -17.76 0.56
N GLN A 36 -28.57 -18.59 1.59
CA GLN A 36 -29.58 -19.59 1.89
C GLN A 36 -30.02 -19.52 3.34
N VAL A 37 -31.32 -19.36 3.56
CA VAL A 37 -31.87 -19.52 4.89
C VAL A 37 -32.52 -20.89 4.95
N ALA A 38 -32.04 -21.72 5.87
CA ALA A 38 -32.57 -23.07 6.07
C ALA A 38 -32.27 -23.53 7.50
N ASP A 39 -33.27 -24.14 8.13
CA ASP A 39 -33.14 -24.68 9.48
C ASP A 39 -32.46 -23.76 10.48
N GLY A 40 -32.94 -22.52 10.57
CA GLY A 40 -32.35 -21.55 11.50
C GLY A 40 -30.90 -21.16 11.24
N THR A 41 -30.44 -21.35 10.01
CA THR A 41 -29.06 -21.02 9.62
C THR A 41 -29.04 -20.23 8.31
N LEU A 42 -28.25 -19.16 8.29
CA LEU A 42 -27.87 -18.49 7.06
C LEU A 42 -26.56 -19.06 6.56
N SER A 43 -26.58 -19.51 5.30
CA SER A 43 -25.38 -20.00 4.64
C SER A 43 -24.98 -19.01 3.56
N LEU A 44 -23.70 -18.66 3.56
CA LEU A 44 -23.14 -17.76 2.55
C LEU A 44 -22.08 -18.48 1.74
N THR A 45 -22.29 -18.56 0.43
CA THR A 45 -21.37 -19.27 -0.44
C THR A 45 -20.81 -18.37 -1.54
N GLY A 46 -19.50 -18.44 -1.73
CA GLY A 46 -18.82 -17.82 -2.86
C GLY A 46 -17.95 -18.85 -3.56
N THR A 47 -17.84 -18.74 -4.88
CA THR A 47 -17.08 -19.69 -5.70
C THR A 47 -16.45 -19.05 -6.95
N ASP A 48 -15.40 -19.68 -7.47
CA ASP A 48 -14.83 -19.33 -8.78
C ASP A 48 -14.74 -20.57 -9.68
N LEU A 49 -15.57 -21.58 -9.38
CA LEU A 49 -15.60 -22.86 -10.09
C LEU A 49 -14.44 -23.81 -9.76
N GLU A 50 -13.31 -23.27 -9.32
CA GLU A 50 -12.16 -24.08 -8.92
C GLU A 50 -12.14 -24.33 -7.39
N MET A 51 -12.54 -23.33 -6.63
CA MET A 51 -12.63 -23.44 -5.17
C MET A 51 -13.93 -22.81 -4.66
N GLU A 52 -14.23 -23.07 -3.39
CA GLU A 52 -15.50 -22.65 -2.81
C GLU A 52 -15.34 -22.36 -1.32
N MET A 53 -15.96 -21.29 -0.86
CA MET A 53 -16.01 -20.97 0.56
C MET A 53 -17.47 -20.89 1.04
N VAL A 54 -17.78 -21.62 2.11
CA VAL A 54 -19.13 -21.60 2.68
C VAL A 54 -19.02 -21.20 4.15
N ALA A 55 -19.83 -20.22 4.54
CA ALA A 55 -19.91 -19.77 5.92
C ALA A 55 -21.31 -20.01 6.44
N ARG A 56 -21.41 -20.43 7.70
CA ARG A 56 -22.70 -20.63 8.34
C ARG A 56 -22.87 -19.67 9.51
N VAL A 57 -24.03 -19.03 9.56
CA VAL A 57 -24.37 -18.03 10.58
C VAL A 57 -25.69 -18.47 11.21
N ALA A 58 -25.71 -18.60 12.54
CA ALA A 58 -26.91 -19.00 13.26
C ALA A 58 -27.90 -17.84 13.33
N LEU A 59 -29.17 -18.12 13.10
CA LEU A 59 -30.20 -17.08 13.09
C LEU A 59 -31.04 -17.15 14.36
N VAL A 60 -30.79 -16.23 15.28
CA VAL A 60 -31.46 -16.22 16.58
C VAL A 60 -32.74 -15.38 16.57
N GLN A 61 -32.87 -14.53 15.56
CA GLN A 61 -34.07 -13.73 15.37
C GLN A 61 -35.02 -14.40 14.36
N PRO A 62 -36.30 -13.96 14.31
CA PRO A 62 -37.25 -14.46 13.31
C PRO A 62 -36.69 -14.43 11.89
N HIS A 63 -36.99 -15.46 11.12
CA HIS A 63 -36.48 -15.62 9.76
C HIS A 63 -37.43 -16.51 8.95
N GLU A 64 -37.28 -16.45 7.64
CA GLU A 64 -38.06 -17.26 6.72
C GLU A 64 -37.11 -17.91 5.70
N PRO A 65 -37.36 -19.18 5.34
CA PRO A 65 -36.42 -19.87 4.47
C PRO A 65 -36.44 -19.35 3.04
N GLY A 66 -35.40 -19.70 2.28
CA GLY A 66 -35.32 -19.37 0.88
C GLY A 66 -33.89 -19.07 0.51
N ALA A 67 -33.67 -18.88 -0.79
CA ALA A 67 -32.33 -18.71 -1.32
C ALA A 67 -32.32 -17.73 -2.48
N THR A 68 -31.23 -16.97 -2.58
CA THR A 68 -31.03 -16.07 -3.69
C THR A 68 -29.53 -15.86 -3.85
N THR A 69 -29.13 -15.05 -4.82
CA THR A 69 -27.73 -14.64 -4.95
C THR A 69 -27.68 -13.14 -5.21
N VAL A 70 -26.70 -12.48 -4.60
CA VAL A 70 -26.51 -11.02 -4.69
C VAL A 70 -25.06 -10.66 -4.99
N PRO A 71 -24.83 -9.50 -5.63
CA PRO A 71 -23.48 -9.02 -5.91
C PRO A 71 -22.64 -9.00 -4.64
N ALA A 72 -21.58 -9.79 -4.62
CA ALA A 72 -20.76 -10.01 -3.42
C ALA A 72 -20.16 -8.73 -2.84
N ARG A 73 -19.42 -8.00 -3.67
CA ARG A 73 -18.71 -6.80 -3.26
C ARG A 73 -19.66 -5.72 -2.76
N LYS A 74 -20.71 -5.45 -3.53
CA LYS A 74 -21.71 -4.47 -3.13
C LYS A 74 -22.36 -4.82 -1.78
N PHE A 75 -22.82 -6.06 -1.62
CA PHE A 75 -23.42 -6.47 -0.35
C PHE A 75 -22.43 -6.34 0.83
N PHE A 76 -21.18 -6.74 0.61
CA PHE A 76 -20.12 -6.56 1.62
C PHE A 76 -19.85 -5.08 1.94
N ASP A 77 -19.72 -4.26 0.90
CA ASP A 77 -19.45 -2.83 1.08
C ASP A 77 -20.58 -2.10 1.80
N ILE A 78 -21.82 -2.52 1.55
CA ILE A 78 -22.98 -1.97 2.26
C ILE A 78 -22.94 -2.33 3.75
N CYS A 79 -22.72 -3.62 4.05
CA CYS A 79 -22.68 -4.09 5.44
C CYS A 79 -21.52 -3.46 6.21
N ARG A 80 -20.34 -3.42 5.60
CA ARG A 80 -19.16 -2.83 6.23
C ARG A 80 -19.32 -1.33 6.39
N GLY A 81 -20.02 -0.70 5.45
CA GLY A 81 -20.27 0.74 5.49
C GLY A 81 -21.20 1.19 6.60
N LEU A 82 -22.04 0.28 7.07
CA LEU A 82 -22.97 0.56 8.18
C LEU A 82 -22.25 0.69 9.54
N PRO A 83 -22.86 1.42 10.49
CA PRO A 83 -22.17 1.71 11.75
C PRO A 83 -22.00 0.50 12.68
N GLU A 84 -20.97 0.56 13.51
CA GLU A 84 -20.75 -0.37 14.61
C GLU A 84 -22.06 -0.64 15.36
N GLY A 85 -22.35 -1.91 15.61
CA GLY A 85 -23.56 -2.31 16.32
C GLY A 85 -24.84 -2.29 15.51
N ALA A 86 -24.73 -2.11 14.20
CA ALA A 86 -25.92 -2.09 13.34
C ALA A 86 -26.59 -3.45 13.27
N GLU A 87 -27.91 -3.43 13.18
CA GLU A 87 -28.71 -4.62 12.94
C GLU A 87 -29.19 -4.60 11.47
N ILE A 88 -28.98 -5.70 10.76
CA ILE A 88 -29.22 -5.73 9.32
C ILE A 88 -30.39 -6.64 8.95
N ALA A 89 -31.48 -6.02 8.50
CA ALA A 89 -32.68 -6.74 8.07
C ALA A 89 -32.62 -6.95 6.57
N VAL A 90 -32.75 -8.21 6.15
CA VAL A 90 -32.69 -8.58 4.75
C VAL A 90 -33.96 -9.32 4.37
N GLN A 91 -34.53 -8.98 3.22
CA GLN A 91 -35.66 -9.75 2.67
C GLN A 91 -35.71 -9.72 1.15
N LEU A 92 -36.03 -10.88 0.57
CA LEU A 92 -36.21 -11.01 -0.86
C LEU A 92 -37.58 -10.47 -1.24
N GLU A 93 -37.62 -9.43 -2.06
CA GLU A 93 -38.88 -8.85 -2.50
C GLU A 93 -38.82 -8.57 -3.99
N GLY A 94 -39.69 -9.24 -4.73
CA GLY A 94 -39.65 -9.21 -6.19
C GLY A 94 -38.39 -9.91 -6.66
N GLU A 95 -37.70 -9.27 -7.60
CA GLU A 95 -36.43 -9.79 -8.10
C GLU A 95 -35.25 -9.07 -7.46
N ARG A 96 -35.53 -8.35 -6.38
CA ARG A 96 -34.53 -7.54 -5.67
C ARG A 96 -34.34 -8.06 -4.26
N MET A 97 -33.15 -7.85 -3.70
CA MET A 97 -32.93 -8.10 -2.29
C MET A 97 -32.88 -6.78 -1.52
N LEU A 98 -33.77 -6.67 -0.53
CA LEU A 98 -33.88 -5.46 0.27
C LEU A 98 -33.04 -5.56 1.53
N VAL A 99 -32.16 -4.58 1.73
CA VAL A 99 -31.30 -4.53 2.90
C VAL A 99 -31.67 -3.27 3.68
N ARG A 100 -32.07 -3.44 4.93
CA ARG A 100 -32.43 -2.30 5.77
C ARG A 100 -31.67 -2.32 7.08
N SER A 101 -31.25 -1.14 7.51
CA SER A 101 -30.57 -0.95 8.78
C SER A 101 -30.70 0.52 9.19
N GLY A 102 -31.27 0.77 10.37
CA GLY A 102 -31.56 2.14 10.81
C GLY A 102 -32.45 2.79 9.78
N ARG A 103 -32.05 3.93 9.25
CA ARG A 103 -32.75 4.53 8.12
C ARG A 103 -31.93 4.49 6.83
N SER A 104 -31.11 3.44 6.70
CA SER A 104 -30.39 3.13 5.47
C SER A 104 -31.09 1.96 4.79
N ARG A 105 -31.40 2.14 3.51
CA ARG A 105 -32.15 1.14 2.72
C ARG A 105 -31.46 0.90 1.40
N PHE A 106 -31.35 -0.36 1.02
CA PHE A 106 -30.63 -0.73 -0.19
C PHE A 106 -31.42 -1.79 -0.94
N SER A 107 -31.44 -1.68 -2.26
CA SER A 107 -32.16 -2.62 -3.10
C SER A 107 -31.17 -3.16 -4.12
N LEU A 108 -30.83 -4.45 -4.00
CA LEU A 108 -29.82 -5.08 -4.83
C LEU A 108 -30.45 -6.04 -5.83
N SER A 109 -29.81 -6.17 -6.99
CA SER A 109 -30.27 -7.10 -8.00
C SER A 109 -29.87 -8.53 -7.59
N THR A 110 -30.61 -9.49 -8.13
CA THR A 110 -30.37 -10.89 -7.79
C THR A 110 -30.22 -11.72 -9.05
N LEU A 111 -29.54 -12.84 -8.92
CA LEU A 111 -29.58 -13.89 -9.92
C LEU A 111 -30.11 -15.13 -9.21
N PRO A 112 -30.88 -15.98 -9.93
CA PRO A 112 -31.57 -17.08 -9.25
C PRO A 112 -30.60 -18.05 -8.57
N ALA A 113 -30.97 -18.52 -7.38
CA ALA A 113 -30.15 -19.51 -6.66
C ALA A 113 -29.90 -20.78 -7.48
N ALA A 114 -30.89 -21.19 -8.27
CA ALA A 114 -30.74 -22.38 -9.12
C ALA A 114 -29.61 -22.26 -10.15
N ASP A 115 -29.18 -21.03 -10.43
CA ASP A 115 -28.08 -20.78 -11.36
C ASP A 115 -26.70 -20.81 -10.69
N PHE A 116 -26.66 -20.82 -9.35
CA PHE A 116 -25.36 -20.81 -8.65
C PHE A 116 -24.63 -22.14 -8.80
N PRO A 117 -23.39 -22.10 -9.33
CA PRO A 117 -22.71 -23.37 -9.66
C PRO A 117 -22.25 -24.16 -8.44
N ASN A 118 -22.34 -25.49 -8.54
CA ASN A 118 -21.86 -26.39 -7.51
C ASN A 118 -20.61 -27.14 -7.97
N LEU A 119 -19.68 -27.35 -7.05
CA LEU A 119 -18.58 -28.27 -7.31
C LEU A 119 -19.14 -29.69 -7.40
N ASP A 120 -18.43 -30.56 -8.12
CA ASP A 120 -18.78 -31.97 -8.19
C ASP A 120 -18.70 -32.62 -6.82
N ASP A 121 -19.62 -33.53 -6.52
CA ASP A 121 -19.60 -34.28 -5.26
C ASP A 121 -18.42 -35.27 -5.29
N TRP A 122 -17.82 -35.53 -4.14
CA TRP A 122 -16.63 -36.37 -4.05
C TRP A 122 -16.56 -37.07 -2.69
N GLN A 123 -15.70 -38.08 -2.57
CA GLN A 123 -15.50 -38.82 -1.32
C GLN A 123 -14.17 -38.48 -0.65
N SER A 124 -14.22 -38.29 0.67
CA SER A 124 -13.02 -38.09 1.48
C SER A 124 -12.24 -39.41 1.60
N GLU A 125 -10.98 -39.38 1.19
CA GLU A 125 -10.11 -40.57 1.32
C GLU A 125 -9.20 -40.47 2.53
N VAL A 126 -8.72 -39.26 2.81
CA VAL A 126 -7.81 -39.01 3.93
C VAL A 126 -8.39 -37.93 4.83
N GLU A 127 -8.26 -38.11 6.13
CA GLU A 127 -8.79 -37.16 7.10
C GLU A 127 -7.88 -36.98 8.28
N PHE A 128 -7.80 -35.75 8.78
CA PHE A 128 -7.07 -35.43 10.00
C PHE A 128 -7.41 -34.04 10.52
N THR A 129 -7.05 -33.81 11.77
CA THR A 129 -7.25 -32.56 12.48
C THR A 129 -5.89 -32.05 12.91
N LEU A 130 -5.75 -30.72 13.01
CA LEU A 130 -4.52 -30.07 13.46
C LEU A 130 -4.81 -28.67 13.97
N PRO A 131 -3.93 -28.13 14.84
CA PRO A 131 -4.10 -26.75 15.27
C PRO A 131 -3.98 -25.76 14.11
N GLN A 132 -4.74 -24.68 14.20
CA GLN A 132 -4.66 -23.56 13.27
C GLN A 132 -3.23 -23.04 13.14
N ALA A 133 -2.54 -22.91 14.27
CA ALA A 133 -1.16 -22.40 14.32
C ALA A 133 -0.21 -23.28 13.51
N THR A 134 -0.47 -24.59 13.53
CA THR A 134 0.34 -25.54 12.77
C THR A 134 0.18 -25.33 11.26
N MET A 135 -1.06 -25.19 10.80
CA MET A 135 -1.32 -24.94 9.37
C MET A 135 -0.71 -23.60 8.93
N LYS A 136 -0.88 -22.59 9.77
CA LYS A 136 -0.27 -21.27 9.56
C LYS A 136 1.25 -21.39 9.40
N ARG A 137 1.89 -22.09 10.33
CA ARG A 137 3.33 -22.39 10.29
C ARG A 137 3.75 -23.08 8.99
N LEU A 138 3.03 -24.13 8.63
CA LEU A 138 3.32 -24.89 7.40
C LEU A 138 3.25 -24.06 6.12
N ILE A 139 2.26 -23.17 6.04
CA ILE A 139 2.06 -22.36 4.83
C ILE A 139 3.05 -21.20 4.74
N GLU A 140 3.17 -20.41 5.80
CA GLU A 140 4.08 -19.26 5.84
CA GLU A 140 4.07 -19.26 5.83
C GLU A 140 5.54 -19.66 5.65
N ALA A 141 5.90 -20.87 6.08
CA ALA A 141 7.29 -21.32 5.96
C ALA A 141 7.70 -21.63 4.52
N THR A 142 6.73 -21.88 3.64
CA THR A 142 7.02 -22.35 2.29
C THR A 142 6.39 -21.53 1.16
N GLN A 143 5.31 -20.82 1.47
CA GLN A 143 4.47 -20.13 0.47
C GLN A 143 5.25 -19.32 -0.57
N PHE A 144 6.27 -18.61 -0.12
CA PHE A 144 7.03 -17.70 -0.96
C PHE A 144 7.83 -18.41 -2.06
N SER A 145 8.01 -19.72 -1.93
CA SER A 145 8.81 -20.49 -2.89
C SER A 145 8.00 -21.16 -4.01
N MET A 146 6.67 -21.02 -3.97
CA MET A 146 5.82 -21.53 -5.06
C MET A 146 6.14 -20.76 -6.34
N ALA A 147 5.98 -21.43 -7.48
CA ALA A 147 6.13 -20.76 -8.78
C ALA A 147 4.96 -19.79 -9.04
N HIS A 148 5.19 -18.82 -9.93
CA HIS A 148 4.15 -17.90 -10.39
C HIS A 148 3.96 -18.11 -11.90
N GLN A 149 2.87 -18.79 -12.27
CA GLN A 149 2.50 -18.93 -13.68
C GLN A 149 3.56 -19.64 -14.53
N ASP A 150 4.27 -20.59 -13.93
CA ASP A 150 5.23 -21.45 -14.63
C ASP A 150 4.46 -22.44 -15.51
N VAL A 151 5.02 -22.77 -16.67
CA VAL A 151 4.41 -23.76 -17.58
C VAL A 151 4.34 -25.17 -16.96
N ARG A 152 5.20 -25.43 -15.98
CA ARG A 152 5.05 -26.62 -15.15
C ARG A 152 3.98 -26.31 -14.12
N TYR A 153 2.74 -26.58 -14.52
CA TYR A 153 1.56 -26.20 -13.75
CA TYR A 153 1.53 -26.24 -13.75
C TYR A 153 1.60 -26.75 -12.31
N TYR A 154 2.22 -27.91 -12.13
CA TYR A 154 2.31 -28.54 -10.82
C TYR A 154 3.16 -27.75 -9.82
N LEU A 155 3.91 -26.76 -10.31
CA LEU A 155 4.76 -25.91 -9.46
C LEU A 155 4.06 -24.63 -9.01
N ASN A 156 2.95 -24.28 -9.67
CA ASN A 156 2.12 -23.13 -9.28
C ASN A 156 1.16 -23.50 -8.18
N GLY A 157 1.71 -23.97 -7.07
CA GLY A 157 0.90 -24.54 -6.01
C GLY A 157 1.82 -25.11 -4.94
N MET A 158 1.21 -25.78 -3.97
CA MET A 158 1.96 -26.27 -2.83
C MET A 158 1.61 -27.74 -2.60
N LEU A 159 2.65 -28.56 -2.47
CA LEU A 159 2.47 -29.94 -2.07
C LEU A 159 2.12 -29.99 -0.60
N PHE A 160 1.09 -30.78 -0.29
CA PHE A 160 0.74 -31.13 1.08
C PHE A 160 0.92 -32.65 1.19
N GLU A 161 1.86 -33.08 2.02
CA GLU A 161 2.20 -34.48 2.14
C GLU A 161 1.92 -34.99 3.55
N THR A 162 1.28 -36.15 3.63
CA THR A 162 1.16 -36.83 4.92
C THR A 162 2.15 -38.00 4.95
N GLU A 163 2.87 -38.13 6.06
CA GLU A 163 3.83 -39.22 6.27
C GLU A 163 4.00 -39.50 7.77
N GLY A 164 3.70 -40.74 8.16
CA GLY A 164 3.76 -41.14 9.57
C GLY A 164 2.71 -40.42 10.39
N GLU A 165 3.15 -39.43 11.15
CA GLU A 165 2.26 -38.53 11.88
C GLU A 165 2.56 -37.07 11.52
N GLU A 166 3.28 -36.87 10.42
CA GLU A 166 3.69 -35.53 9.98
C GLU A 166 2.87 -35.02 8.80
N LEU A 167 2.50 -33.75 8.87
CA LEU A 167 2.01 -33.03 7.70
C LEU A 167 3.15 -32.15 7.18
N ARG A 168 3.36 -32.20 5.87
CA ARG A 168 4.49 -31.53 5.26
C ARG A 168 4.01 -30.66 4.12
N THR A 169 4.63 -29.49 3.99
CA THR A 169 4.41 -28.67 2.81
C THR A 169 5.72 -28.53 2.03
N VAL A 170 5.61 -28.58 0.70
CA VAL A 170 6.75 -28.33 -0.17
C VAL A 170 6.33 -27.29 -1.21
N ALA A 171 7.20 -26.32 -1.44
CA ALA A 171 7.03 -25.35 -2.51
C ALA A 171 8.35 -25.10 -3.19
N THR A 172 8.32 -25.11 -4.51
CA THR A 172 9.49 -24.88 -5.33
C THR A 172 9.09 -24.28 -6.68
N ASP A 173 9.98 -23.46 -7.23
CA ASP A 173 9.79 -22.90 -8.58
C ASP A 173 10.85 -23.38 -9.57
N GLY A 174 11.56 -24.44 -9.21
CA GLY A 174 12.68 -24.94 -10.02
C GLY A 174 14.04 -24.34 -9.71
N HIS A 175 14.06 -23.19 -9.02
CA HIS A 175 15.32 -22.51 -8.69
C HIS A 175 15.62 -22.52 -7.20
N ARG A 176 14.56 -22.55 -6.40
CA ARG A 176 14.70 -22.66 -4.95
C ARG A 176 13.55 -23.48 -4.40
N LEU A 177 13.74 -24.05 -3.20
CA LEU A 177 12.73 -24.89 -2.57
C LEU A 177 12.60 -24.56 -1.10
N ALA A 178 11.38 -24.70 -0.59
CA ALA A 178 11.09 -24.63 0.82
C ALA A 178 10.30 -25.88 1.21
N VAL A 179 10.68 -26.50 2.33
CA VAL A 179 9.96 -27.63 2.89
C VAL A 179 9.79 -27.42 4.40
N CYS A 180 8.64 -27.81 4.92
CA CYS A 180 8.38 -27.73 6.35
C CYS A 180 7.49 -28.90 6.76
N SER A 181 7.82 -29.55 7.88
CA SER A 181 7.06 -30.69 8.40
C SER A 181 6.70 -30.45 9.86
N MET A 182 5.49 -30.82 10.25
CA MET A 182 5.04 -30.66 11.63
C MET A 182 4.31 -31.91 12.08
N PRO A 183 4.51 -32.31 13.35
CA PRO A 183 3.75 -33.41 13.94
C PRO A 183 2.31 -32.99 14.20
N ILE A 184 1.36 -33.87 13.89
CA ILE A 184 -0.05 -33.59 14.20
C ILE A 184 -0.69 -34.70 15.05
N GLY A 185 0.14 -35.61 15.54
CA GLY A 185 -0.28 -36.62 16.52
C GLY A 185 -1.36 -37.61 16.09
N GLN A 186 -1.44 -37.86 14.79
CA GLN A 186 -2.38 -38.83 14.26
C GLN A 186 -1.66 -39.76 13.30
N SER A 187 -2.05 -41.04 13.33
CA SER A 187 -1.58 -41.99 12.33
C SER A 187 -2.18 -41.63 10.98
N LEU A 188 -1.33 -41.28 10.02
CA LEU A 188 -1.76 -40.84 8.71
C LEU A 188 -1.25 -41.79 7.63
N PRO A 189 -2.04 -41.96 6.55
CA PRO A 189 -1.53 -42.70 5.40
C PRO A 189 -0.42 -41.90 4.72
N SER A 190 0.40 -42.58 3.93
CA SER A 190 1.43 -41.90 3.14
C SER A 190 0.79 -41.43 1.85
N HIS A 191 0.72 -40.12 1.68
CA HIS A 191 -0.06 -39.49 0.62
C HIS A 191 0.40 -38.06 0.37
N SER A 192 0.21 -37.59 -0.86
CA SER A 192 0.47 -36.19 -1.17
C SER A 192 -0.44 -35.67 -2.27
N VAL A 193 -0.76 -34.39 -2.19
CA VAL A 193 -1.61 -33.71 -3.18
C VAL A 193 -1.07 -32.32 -3.42
N ILE A 194 -1.40 -31.73 -4.57
CA ILE A 194 -0.99 -30.37 -4.86
C ILE A 194 -2.20 -29.46 -4.81
N VAL A 195 -2.11 -28.45 -3.94
CA VAL A 195 -3.15 -27.45 -3.79
C VAL A 195 -2.76 -26.21 -4.60
N PRO A 196 -3.65 -25.75 -5.51
CA PRO A 196 -3.36 -24.59 -6.36
C PRO A 196 -3.05 -23.34 -5.54
N ARG A 197 -2.21 -22.46 -6.08
CA ARG A 197 -1.74 -21.31 -5.28
C ARG A 197 -2.87 -20.44 -4.71
N LYS A 198 -3.91 -20.22 -5.51
CA LYS A 198 -5.11 -19.51 -5.05
C LYS A 198 -5.79 -20.21 -3.87
N GLY A 199 -5.77 -21.54 -3.89
CA GLY A 199 -6.35 -22.33 -2.80
C GLY A 199 -5.54 -22.15 -1.52
N VAL A 200 -4.20 -22.17 -1.66
CA VAL A 200 -3.27 -21.95 -0.55
C VAL A 200 -3.53 -20.59 0.11
N ILE A 201 -3.63 -19.55 -0.72
CA ILE A 201 -3.92 -18.18 -0.26
C ILE A 201 -5.23 -18.17 0.54
N GLU A 202 -6.24 -18.85 0.02
CA GLU A 202 -7.55 -18.87 0.67
C GLU A 202 -7.50 -19.65 1.98
N LEU A 203 -6.85 -20.80 1.94
CA LEU A 203 -6.64 -21.60 3.14
C LEU A 203 -5.92 -20.80 4.24
N MET A 204 -4.90 -20.04 3.86
CA MET A 204 -4.18 -19.20 4.82
C MET A 204 -5.09 -18.12 5.39
N ARG A 205 -5.88 -17.51 4.50
CA ARG A 205 -6.82 -16.44 4.84
C ARG A 205 -7.85 -16.81 5.92
N MET A 206 -8.24 -18.09 5.98
CA MET A 206 -9.26 -18.54 6.94
C MET A 206 -8.70 -18.82 8.34
N LEU A 207 -7.43 -18.55 8.55
CA LEU A 207 -6.80 -18.65 9.87
C LEU A 207 -6.05 -17.35 10.15
N ASP A 208 -6.61 -16.37 10.89
CA ASP A 208 -7.87 -16.36 11.64
C ASP A 208 -7.57 -15.95 13.09
N GLY A 209 -6.69 -16.71 13.73
CA GLY A 209 -6.42 -16.56 15.16
C GLY A 209 -7.46 -17.33 15.96
N GLY A 210 -7.29 -17.34 17.27
CA GLY A 210 -8.20 -18.08 18.15
C GLY A 210 -7.84 -19.55 18.20
N ASP A 211 -8.59 -20.30 19.00
CA ASP A 211 -8.23 -21.69 19.32
C ASP A 211 -9.04 -22.77 18.58
N ASN A 212 -9.74 -22.38 17.52
CA ASN A 212 -10.47 -23.33 16.67
C ASN A 212 -9.51 -24.25 15.91
N PRO A 213 -9.63 -25.58 16.11
CA PRO A 213 -8.81 -26.52 15.34
C PRO A 213 -9.26 -26.60 13.88
N LEU A 214 -8.40 -27.13 13.03
CA LEU A 214 -8.72 -27.29 11.61
C LEU A 214 -8.97 -28.76 11.29
N ARG A 215 -10.02 -29.02 10.52
CA ARG A 215 -10.34 -30.36 10.07
C ARG A 215 -10.12 -30.45 8.56
N VAL A 216 -9.26 -31.38 8.17
CA VAL A 216 -8.88 -31.52 6.76
C VAL A 216 -9.41 -32.84 6.18
N GLN A 217 -10.03 -32.75 5.00
CA GLN A 217 -10.47 -33.92 4.25
C GLN A 217 -9.85 -33.86 2.87
N ILE A 218 -9.23 -34.96 2.45
CA ILE A 218 -8.59 -35.02 1.15
C ILE A 218 -9.21 -36.10 0.27
N GLY A 219 -9.68 -35.70 -0.90
CA GLY A 219 -10.19 -36.63 -1.91
C GLY A 219 -9.20 -36.80 -3.05
N SER A 220 -9.58 -37.59 -4.06
CA SER A 220 -8.70 -37.85 -5.19
C SER A 220 -8.46 -36.59 -6.03
N ASN A 221 -9.40 -35.65 -5.97
CA ASN A 221 -9.37 -34.47 -6.82
C ASN A 221 -9.72 -33.18 -6.08
N ASN A 222 -9.86 -33.29 -4.76
CA ASN A 222 -10.30 -32.17 -3.93
C ASN A 222 -9.66 -32.13 -2.56
N ILE A 223 -9.60 -30.94 -1.99
CA ILE A 223 -9.27 -30.76 -0.58
C ILE A 223 -10.34 -29.89 0.09
N ARG A 224 -10.65 -30.21 1.34
CA ARG A 224 -11.60 -29.44 2.14
C ARG A 224 -11.01 -29.15 3.52
N ALA A 225 -11.18 -27.91 3.97
CA ALA A 225 -10.78 -27.51 5.32
C ALA A 225 -11.95 -26.93 6.10
N HIS A 226 -12.26 -27.53 7.24
CA HIS A 226 -13.29 -27.01 8.14
C HIS A 226 -12.61 -26.28 9.29
N VAL A 227 -12.89 -24.99 9.40
CA VAL A 227 -12.53 -24.25 10.60
C VAL A 227 -13.71 -23.43 11.10
N GLY A 228 -14.08 -23.64 12.35
CA GLY A 228 -15.21 -22.95 12.97
C GLY A 228 -16.45 -23.19 12.14
N ASP A 229 -17.10 -22.11 11.74
CA ASP A 229 -18.30 -22.20 10.93
C ASP A 229 -18.04 -21.91 9.44
N PHE A 230 -16.83 -22.22 8.98
CA PHE A 230 -16.40 -22.03 7.59
C PHE A 230 -15.98 -23.35 6.95
N ILE A 231 -16.36 -23.56 5.69
CA ILE A 231 -15.92 -24.73 4.95
C ILE A 231 -15.32 -24.28 3.63
N PHE A 232 -14.04 -24.58 3.45
CA PHE A 232 -13.35 -24.26 2.22
C PHE A 232 -13.07 -25.53 1.45
N THR A 233 -13.43 -25.52 0.16
CA THR A 233 -13.18 -26.65 -0.73
C THR A 233 -12.45 -26.19 -1.99
N SER A 234 -11.38 -26.88 -2.35
CA SER A 234 -10.64 -26.56 -3.56
C SER A 234 -10.40 -27.82 -4.42
N LYS A 235 -10.34 -27.63 -5.73
CA LYS A 235 -9.83 -28.65 -6.63
C LYS A 235 -8.32 -28.78 -6.43
N LEU A 236 -7.76 -29.90 -6.84
CA LEU A 236 -6.32 -30.13 -6.74
C LEU A 236 -5.64 -29.92 -8.10
N VAL A 237 -4.31 -30.02 -8.10
CA VAL A 237 -3.53 -29.86 -9.32
C VAL A 237 -2.95 -31.22 -9.72
N ASP A 238 -3.07 -31.55 -11.01
CA ASP A 238 -2.49 -32.76 -11.61
C ASP A 238 -0.97 -32.63 -11.69
N GLY A 239 -0.29 -33.75 -11.91
CA GLY A 239 1.15 -33.70 -12.17
C GLY A 239 2.00 -34.32 -11.09
N ARG A 240 3.25 -34.60 -11.44
CA ARG A 240 4.20 -35.22 -10.54
C ARG A 240 5.12 -34.16 -9.91
N PHE A 241 4.80 -33.79 -8.68
CA PHE A 241 5.60 -32.84 -7.92
C PHE A 241 7.00 -33.42 -7.69
N PRO A 242 8.03 -32.57 -7.77
CA PRO A 242 9.39 -33.03 -7.45
C PRO A 242 9.51 -33.55 -6.02
N ASP A 243 10.46 -34.46 -5.82
CA ASP A 243 10.74 -35.06 -4.51
C ASP A 243 11.76 -34.19 -3.78
N TYR A 244 11.33 -33.59 -2.67
CA TYR A 244 12.19 -32.66 -1.91
C TYR A 244 13.51 -33.31 -1.46
N ARG A 245 13.49 -34.63 -1.29
CA ARG A 245 14.68 -35.38 -0.86
C ARG A 245 15.80 -35.42 -1.91
N ARG A 246 15.43 -35.20 -3.18
CA ARG A 246 16.39 -35.15 -4.27
C ARG A 246 16.96 -33.75 -4.41
N VAL A 247 16.27 -32.78 -3.82
CA VAL A 247 16.69 -31.38 -3.87
C VAL A 247 17.59 -31.04 -2.68
N LEU A 248 17.24 -31.55 -1.49
CA LEU A 248 18.12 -31.43 -0.34
C LEU A 248 19.47 -32.06 -0.64
N PRO A 249 20.56 -31.31 -0.38
CA PRO A 249 21.92 -31.83 -0.52
C PRO A 249 22.10 -33.08 0.31
N LYS A 250 22.72 -34.10 -0.26
CA LYS A 250 22.80 -35.40 0.41
C LYS A 250 23.67 -35.37 1.67
N ASN A 251 24.70 -34.53 1.66
CA ASN A 251 25.58 -34.37 2.82
C ASN A 251 26.22 -32.97 2.86
N PRO A 252 25.46 -31.96 3.32
CA PRO A 252 26.00 -30.60 3.40
C PRO A 252 26.72 -30.36 4.74
N ASP A 253 27.91 -30.96 4.88
CA ASP A 253 28.64 -30.96 6.15
C ASP A 253 29.54 -29.73 6.43
N LYS A 254 29.51 -28.72 5.56
CA LYS A 254 30.12 -27.42 5.89
C LYS A 254 29.05 -26.52 6.50
N HIS A 255 29.07 -26.41 7.84
CA HIS A 255 28.05 -25.64 8.57
C HIS A 255 28.54 -24.25 8.96
N LEU A 256 27.84 -23.25 8.47
CA LEU A 256 28.06 -21.85 8.84
C LEU A 256 26.89 -21.36 9.66
N GLU A 257 27.18 -20.67 10.76
CA GLU A 257 26.14 -20.11 11.61
C GLU A 257 26.36 -18.63 11.88
N ALA A 258 25.28 -17.86 11.71
CA ALA A 258 25.34 -16.41 11.78
C ALA A 258 24.01 -15.85 12.27
N GLY A 259 24.03 -14.64 12.79
CA GLY A 259 22.79 -13.96 13.20
C GLY A 259 21.93 -13.72 11.97
N CYS A 260 20.66 -14.10 12.04
CA CYS A 260 19.77 -14.00 10.88
C CYS A 260 19.63 -12.57 10.34
N ASP A 261 19.34 -11.63 11.24
CA ASP A 261 19.13 -10.22 10.87
C ASP A 261 20.41 -9.52 10.39
N LEU A 262 21.53 -9.77 11.08
CA LEU A 262 22.82 -9.24 10.62
C LEU A 262 23.10 -9.73 9.21
N LEU A 263 22.90 -11.03 9.00
CA LEU A 263 23.16 -11.67 7.70
C LEU A 263 22.29 -11.10 6.59
N LYS A 264 21.02 -10.87 6.91
CA LYS A 264 20.03 -10.33 5.98
C LYS A 264 20.37 -8.90 5.54
N GLN A 265 20.69 -8.04 6.51
CA GLN A 265 21.02 -6.64 6.22
C GLN A 265 22.31 -6.53 5.39
N ALA A 266 23.23 -7.47 5.58
CA ALA A 266 24.47 -7.48 4.80
C ALA A 266 24.18 -7.86 3.35
N PHE A 267 23.39 -8.91 3.14
CA PHE A 267 22.96 -9.33 1.81
C PHE A 267 22.14 -8.23 1.11
N ALA A 268 21.23 -7.61 1.85
CA ALA A 268 20.38 -6.51 1.33
C ALA A 268 21.18 -5.27 0.89
N ARG A 269 22.20 -4.89 1.66
CA ARG A 269 23.08 -3.80 1.23
C ARG A 269 23.90 -4.18 0.00
N ALA A 270 24.45 -5.40 -0.02
CA ALA A 270 25.22 -5.90 -1.16
C ALA A 270 24.35 -5.99 -2.41
N ALA A 271 23.09 -6.38 -2.22
CA ALA A 271 22.10 -6.48 -3.28
C ALA A 271 21.92 -5.19 -4.08
N ILE A 272 22.12 -4.05 -3.44
CA ILE A 272 21.93 -2.75 -4.10
C ILE A 272 22.84 -2.60 -5.32
N LEU A 273 24.05 -3.16 -5.25
CA LEU A 273 24.99 -3.09 -6.35
C LEU A 273 25.16 -4.40 -7.14
N SER A 274 24.18 -5.30 -7.01
CA SER A 274 24.11 -6.50 -7.85
C SER A 274 23.36 -6.20 -9.15
N ASN A 275 23.63 -7.00 -10.17
CA ASN A 275 22.92 -6.91 -11.45
C ASN A 275 21.42 -6.86 -11.24
N GLU A 276 20.75 -5.86 -11.83
CA GLU A 276 19.33 -5.65 -11.58
C GLU A 276 18.46 -6.82 -12.07
N LYS A 277 18.95 -7.54 -13.08
CA LYS A 277 18.22 -8.65 -13.69
C LYS A 277 18.62 -10.01 -13.10
N PHE A 278 19.92 -10.23 -12.91
CA PHE A 278 20.40 -11.54 -12.44
C PHE A 278 20.68 -11.63 -10.94
N ARG A 279 20.83 -10.47 -10.28
CA ARG A 279 20.91 -10.36 -8.81
C ARG A 279 21.98 -11.21 -8.12
N GLY A 280 23.07 -11.47 -8.83
CA GLY A 280 24.10 -12.38 -8.33
C GLY A 280 25.03 -11.74 -7.31
N VAL A 281 25.30 -12.47 -6.23
CA VAL A 281 26.31 -12.09 -5.23
C VAL A 281 27.25 -13.28 -4.96
N ARG A 282 28.48 -12.99 -4.56
CA ARG A 282 29.46 -14.02 -4.23
C ARG A 282 29.71 -14.10 -2.73
N LEU A 283 29.72 -15.33 -2.21
CA LEU A 283 30.06 -15.58 -0.82
C LEU A 283 31.45 -16.23 -0.72
N TYR A 284 32.29 -15.66 0.13
CA TYR A 284 33.61 -16.19 0.43
C TYR A 284 33.60 -16.65 1.87
N VAL A 285 33.63 -17.96 2.09
CA VAL A 285 33.62 -18.50 3.45
CA VAL A 285 33.62 -18.50 3.44
C VAL A 285 35.01 -18.98 3.87
N SER A 286 35.43 -18.56 5.06
CA SER A 286 36.71 -18.95 5.61
C SER A 286 36.51 -19.05 7.12
N GLU A 287 37.58 -19.37 7.84
CA GLU A 287 37.50 -19.61 9.28
C GLU A 287 36.78 -18.46 10.00
N ASN A 288 35.64 -18.77 10.59
CA ASN A 288 34.82 -17.80 11.34
C ASN A 288 34.54 -16.47 10.64
N GLN A 289 34.53 -16.48 9.31
CA GLN A 289 34.30 -15.26 8.54
C GLN A 289 33.52 -15.49 7.25
N LEU A 290 32.64 -14.55 6.95
CA LEU A 290 31.96 -14.53 5.66
C LEU A 290 32.19 -13.18 5.00
N LYS A 291 32.56 -13.21 3.72
CA LYS A 291 32.63 -12.02 2.89
C LYS A 291 31.59 -12.12 1.76
N ILE A 292 30.76 -11.10 1.63
CA ILE A 292 29.77 -11.02 0.55
C ILE A 292 30.17 -9.89 -0.40
N THR A 293 30.25 -10.19 -1.70
CA THR A 293 30.54 -9.14 -2.68
C THR A 293 29.50 -9.11 -3.80
N ALA A 294 29.34 -7.95 -4.41
CA ALA A 294 28.45 -7.76 -5.55
C ALA A 294 29.00 -6.70 -6.48
N ASN A 295 28.73 -6.86 -7.77
CA ASN A 295 29.06 -5.83 -8.77
C ASN A 295 28.06 -5.85 -9.92
N ASN A 296 27.96 -4.73 -10.62
CA ASN A 296 27.05 -4.62 -11.76
C ASN A 296 27.83 -4.25 -13.03
N PRO A 297 27.15 -4.19 -14.20
CA PRO A 297 27.85 -3.86 -15.46
C PRO A 297 28.67 -2.58 -15.41
N GLU A 298 28.16 -1.56 -14.72
CA GLU A 298 28.87 -0.27 -14.61
C GLU A 298 29.94 -0.22 -13.51
N GLN A 299 30.48 -1.39 -13.17
CA GLN A 299 31.68 -1.52 -12.33
C GLN A 299 31.51 -0.98 -10.89
N GLU A 300 30.26 -0.83 -10.45
CA GLU A 300 29.98 -0.49 -9.07
C GLU A 300 30.12 -1.76 -8.24
N GLU A 301 30.64 -1.63 -7.01
CA GLU A 301 30.92 -2.82 -6.19
C GLU A 301 30.52 -2.64 -4.73
N ALA A 302 29.97 -3.71 -4.14
CA ALA A 302 29.71 -3.75 -2.70
C ALA A 302 30.52 -4.86 -2.05
N GLU A 303 30.97 -4.63 -0.82
CA GLU A 303 31.63 -5.67 -0.06
C GLU A 303 31.20 -5.62 1.40
N GLU A 304 30.75 -6.77 1.90
CA GLU A 304 30.38 -6.91 3.31
C GLU A 304 31.23 -8.02 3.93
N ILE A 305 31.69 -7.77 5.14
CA ILE A 305 32.42 -8.77 5.90
C ILE A 305 31.74 -8.94 7.26
N LEU A 306 31.39 -10.17 7.59
CA LEU A 306 30.71 -10.50 8.85
C LEU A 306 31.51 -11.53 9.61
N ASP A 307 31.36 -11.51 10.93
CA ASP A 307 31.80 -12.61 11.78
C ASP A 307 30.74 -13.71 11.78
N VAL A 308 31.18 -14.95 11.56
CA VAL A 308 30.28 -16.11 11.61
C VAL A 308 30.97 -17.24 12.38
N THR A 309 30.23 -18.30 12.68
CA THR A 309 30.82 -19.51 13.21
C THR A 309 31.02 -20.50 12.07
N TYR A 310 32.29 -20.72 11.71
CA TYR A 310 32.66 -21.62 10.62
C TYR A 310 34.04 -22.25 10.82
N SER A 311 34.11 -23.57 10.77
CA SER A 311 35.37 -24.33 10.92
C SER A 311 35.75 -25.20 9.72
N GLY A 312 34.86 -25.29 8.74
CA GLY A 312 35.12 -26.08 7.52
C GLY A 312 36.21 -25.49 6.65
N ALA A 313 36.47 -26.15 5.52
CA ALA A 313 37.44 -25.66 4.54
C ALA A 313 36.88 -24.45 3.80
N GLU A 314 37.78 -23.63 3.25
CA GLU A 314 37.39 -22.40 2.56
C GLU A 314 36.78 -22.67 1.19
N MET A 315 35.76 -21.89 0.85
CA MET A 315 35.13 -21.99 -0.46
C MET A 315 34.43 -20.71 -0.90
N GLU A 316 34.15 -20.64 -2.20
CA GLU A 316 33.52 -19.51 -2.84
C GLU A 316 32.27 -20.06 -3.51
N ILE A 317 31.20 -19.28 -3.56
CA ILE A 317 29.94 -19.69 -4.19
C ILE A 317 29.08 -18.47 -4.51
N GLY A 318 28.41 -18.51 -5.66
CA GLY A 318 27.52 -17.42 -6.07
C GLY A 318 26.04 -17.76 -5.92
N PHE A 319 25.24 -16.76 -5.58
CA PHE A 319 23.79 -16.94 -5.42
C PHE A 319 23.00 -15.74 -5.94
N ASN A 320 21.79 -16.01 -6.41
CA ASN A 320 20.81 -14.96 -6.62
C ASN A 320 20.46 -14.44 -5.22
N VAL A 321 20.73 -13.15 -5.00
CA VAL A 321 20.55 -12.57 -3.66
C VAL A 321 19.07 -12.48 -3.21
N SER A 322 18.14 -12.31 -4.16
CA SER A 322 16.72 -12.26 -3.79
CA SER A 322 16.71 -12.25 -3.79
C SER A 322 16.26 -13.56 -3.17
N TYR A 323 16.76 -14.68 -3.70
CA TYR A 323 16.42 -16.00 -3.17
C TYR A 323 16.90 -16.17 -1.73
N VAL A 324 18.11 -15.73 -1.45
CA VAL A 324 18.68 -15.80 -0.12
C VAL A 324 17.88 -14.91 0.82
N LEU A 325 17.62 -13.67 0.40
CA LEU A 325 16.81 -12.73 1.19
C LEU A 325 15.39 -13.25 1.48
N ASP A 326 14.77 -13.87 0.48
CA ASP A 326 13.46 -14.53 0.69
C ASP A 326 13.53 -15.51 1.84
N VAL A 327 14.53 -16.39 1.81
CA VAL A 327 14.72 -17.37 2.87
C VAL A 327 14.89 -16.70 4.23
N LEU A 328 15.81 -15.74 4.34
CA LEU A 328 16.11 -15.10 5.63
C LEU A 328 14.92 -14.32 6.20
N ASN A 329 14.12 -13.71 5.32
CA ASN A 329 12.87 -13.06 5.73
C ASN A 329 11.83 -14.05 6.22
N ALA A 330 11.84 -15.26 5.65
CA ALA A 330 10.89 -16.30 6.02
C ALA A 330 11.29 -16.97 7.33
N LEU A 331 12.58 -16.96 7.65
CA LEU A 331 13.06 -17.41 8.96
C LEU A 331 12.90 -16.28 9.97
N LYS A 332 11.90 -16.38 10.83
CA LYS A 332 11.71 -15.41 11.90
C LYS A 332 12.45 -15.91 13.13
N CYS A 333 13.78 -15.87 13.07
CA CYS A 333 14.61 -16.46 14.13
C CYS A 333 15.88 -15.65 14.42
N GLU A 334 16.60 -16.06 15.46
CA GLU A 334 17.80 -15.35 15.90
C GLU A 334 19.03 -15.74 15.08
N ASN A 335 19.25 -17.04 14.92
CA ASN A 335 20.43 -17.55 14.21
C ASN A 335 20.08 -18.48 13.05
N VAL A 336 20.86 -18.38 11.97
CA VAL A 336 20.65 -19.19 10.78
C VAL A 336 21.85 -20.11 10.54
N ARG A 337 21.58 -21.32 10.07
CA ARG A 337 22.63 -22.25 9.66
C ARG A 337 22.62 -22.43 8.15
N MET A 338 23.75 -22.13 7.54
CA MET A 338 23.96 -22.38 6.13
C MET A 338 24.80 -23.64 5.96
N MET A 339 24.28 -24.60 5.20
CA MET A 339 24.89 -25.91 5.06
C MET A 339 25.37 -26.12 3.62
N LEU A 340 26.68 -26.24 3.48
CA LEU A 340 27.33 -26.16 2.18
C LEU A 340 27.97 -27.49 1.77
N THR A 341 28.19 -27.60 0.46
CA THR A 341 28.76 -28.80 -0.14
C THR A 341 30.02 -28.41 -0.94
N ASP A 342 29.82 -27.68 -2.03
CA ASP A 342 30.92 -27.09 -2.81
C ASP A 342 30.40 -25.94 -3.68
N SER A 343 31.30 -25.33 -4.46
CA SER A 343 31.00 -24.10 -5.21
C SER A 343 29.96 -24.25 -6.33
N VAL A 344 29.65 -25.50 -6.70
CA VAL A 344 28.74 -25.76 -7.81
C VAL A 344 27.51 -26.55 -7.36
N SER A 345 27.28 -26.61 -6.05
CA SER A 345 26.15 -27.35 -5.49
C SER A 345 25.24 -26.44 -4.70
N SER A 346 24.00 -26.87 -4.51
CA SER A 346 23.00 -26.09 -3.77
CA SER A 346 23.01 -26.08 -3.78
C SER A 346 23.41 -25.89 -2.32
N VAL A 347 22.84 -24.87 -1.68
CA VAL A 347 23.03 -24.64 -0.25
C VAL A 347 21.71 -24.95 0.47
N GLN A 348 21.81 -25.57 1.63
CA GLN A 348 20.67 -25.74 2.51
C GLN A 348 20.73 -24.66 3.59
N ILE A 349 19.58 -24.08 3.89
CA ILE A 349 19.51 -23.03 4.92
C ILE A 349 18.41 -23.41 5.92
N GLU A 350 18.73 -23.31 7.21
CA GLU A 350 17.78 -23.57 8.29
C GLU A 350 17.96 -22.59 9.44
N ASP A 351 16.90 -22.42 10.23
CA ASP A 351 16.98 -21.85 11.57
C ASP A 351 17.95 -22.71 12.39
N ALA A 352 18.97 -22.08 12.96
CA ALA A 352 19.94 -22.81 13.78
C ALA A 352 19.28 -23.60 14.91
N ALA A 353 18.15 -23.09 15.41
CA ALA A 353 17.46 -23.68 16.55
C ALA A 353 16.36 -24.70 16.19
N SER A 354 16.04 -24.83 14.90
CA SER A 354 14.98 -25.77 14.49
C SER A 354 15.18 -26.39 13.12
N GLN A 355 14.93 -27.70 13.04
CA GLN A 355 15.02 -28.47 11.81
C GLN A 355 13.67 -28.64 11.08
N SER A 356 12.63 -27.96 11.58
CA SER A 356 11.25 -28.09 11.07
C SER A 356 11.08 -27.63 9.63
N ALA A 357 11.87 -26.63 9.25
CA ALA A 357 11.86 -26.11 7.89
C ALA A 357 13.25 -26.21 7.30
N ALA A 358 13.31 -26.46 6.00
CA ALA A 358 14.57 -26.42 5.28
C ALA A 358 14.38 -25.68 3.96
N TYR A 359 15.41 -24.95 3.58
CA TYR A 359 15.38 -24.15 2.36
C TYR A 359 16.57 -24.52 1.51
N VAL A 360 16.34 -24.64 0.21
CA VAL A 360 17.43 -24.99 -0.71
C VAL A 360 17.50 -23.97 -1.83
N VAL A 361 18.71 -23.47 -2.07
CA VAL A 361 18.94 -22.50 -3.15
C VAL A 361 20.09 -22.97 -4.03
N MET A 362 19.84 -22.99 -5.34
CA MET A 362 20.83 -23.39 -6.33
C MET A 362 21.91 -22.33 -6.53
N PRO A 363 23.15 -22.73 -6.85
CA PRO A 363 24.18 -21.73 -7.08
C PRO A 363 24.05 -21.10 -8.47
N MET A 364 24.74 -19.98 -8.67
CA MET A 364 24.72 -19.31 -9.98
C MET A 364 25.96 -19.59 -10.79
N MET B 1 37.40 15.28 -2.43
CA MET B 1 36.22 15.51 -1.53
C MET B 1 36.13 14.40 -0.48
N LYS B 2 35.88 14.80 0.77
CA LYS B 2 35.91 13.85 1.86
C LYS B 2 35.00 14.32 3.00
N PHE B 3 34.19 13.42 3.53
CA PHE B 3 33.40 13.70 4.73
C PHE B 3 33.01 12.44 5.48
N THR B 4 32.82 12.57 6.79
CA THR B 4 32.35 11.49 7.65
C THR B 4 31.18 12.01 8.49
N VAL B 5 29.99 11.42 8.29
CA VAL B 5 28.75 11.88 8.93
CA VAL B 5 28.78 11.86 8.98
C VAL B 5 27.96 10.70 9.49
N GLU B 6 27.23 10.93 10.58
CA GLU B 6 26.30 9.93 11.10
C GLU B 6 25.20 9.69 10.07
N ARG B 7 24.80 8.42 9.96
CA ARG B 7 23.72 8.00 9.07
C ARG B 7 22.47 8.86 9.19
N GLU B 8 22.03 9.08 10.44
CA GLU B 8 20.76 9.79 10.71
C GLU B 8 20.78 11.26 10.30
N HIS B 9 21.97 11.84 10.18
CA HIS B 9 22.10 13.22 9.72
C HIS B 9 22.00 13.32 8.20
N LEU B 10 22.07 12.17 7.53
CA LEU B 10 21.95 12.12 6.07
C LEU B 10 20.55 11.77 5.60
N LEU B 11 19.82 10.99 6.40
CA LEU B 11 18.54 10.39 5.97
C LEU B 11 17.46 11.40 5.57
N LYS B 12 17.23 12.40 6.42
CA LYS B 12 16.26 13.44 6.09
C LYS B 12 16.67 14.27 4.87
N PRO B 13 17.91 14.80 4.85
CA PRO B 13 18.39 15.46 3.63
C PRO B 13 18.22 14.61 2.36
N LEU B 14 18.62 13.34 2.44
CA LEU B 14 18.53 12.44 1.29
C LEU B 14 17.10 12.23 0.82
N GLN B 15 16.18 12.00 1.76
CA GLN B 15 14.76 11.86 1.48
C GLN B 15 14.22 13.12 0.77
N GLN B 16 14.65 14.28 1.25
CA GLN B 16 14.21 15.57 0.70
C GLN B 16 14.73 15.85 -0.71
N VAL B 17 15.98 15.50 -0.98
CA VAL B 17 16.57 15.78 -2.30
C VAL B 17 16.30 14.70 -3.35
N SER B 18 15.84 13.53 -2.90
CA SER B 18 15.51 12.43 -3.80
C SER B 18 14.17 12.61 -4.49
N LEU B 27 17.67 12.56 -18.70
CA LEU B 27 19.12 12.41 -18.55
C LEU B 27 19.46 11.72 -17.23
N PRO B 28 20.41 10.77 -17.26
CA PRO B 28 20.83 10.04 -16.05
C PRO B 28 21.34 10.94 -14.92
N ILE B 29 21.94 12.08 -15.24
CA ILE B 29 22.45 12.97 -14.19
C ILE B 29 21.32 13.53 -13.29
N LEU B 30 20.09 13.54 -13.82
CA LEU B 30 18.92 13.94 -13.05
C LEU B 30 18.56 12.88 -12.02
N GLY B 31 19.14 11.70 -12.18
CA GLY B 31 18.99 10.61 -11.22
C GLY B 31 20.15 10.59 -10.23
N ASN B 32 21.10 11.49 -10.42
CA ASN B 32 22.20 11.67 -9.47
C ASN B 32 21.95 12.81 -8.49
N LEU B 33 22.64 12.76 -7.35
CA LEU B 33 22.64 13.86 -6.40
C LEU B 33 23.96 14.59 -6.51
N LEU B 34 23.91 15.92 -6.54
CA LEU B 34 25.11 16.72 -6.47
C LEU B 34 25.53 16.80 -5.02
N LEU B 35 26.77 16.42 -4.74
CA LEU B 35 27.33 16.51 -3.40
C LEU B 35 28.45 17.53 -3.37
N GLN B 36 28.42 18.44 -2.39
CA GLN B 36 29.43 19.50 -2.29
C GLN B 36 29.87 19.71 -0.84
N VAL B 37 31.18 19.60 -0.60
CA VAL B 37 31.77 19.95 0.69
C VAL B 37 32.44 21.30 0.52
N ALA B 38 31.96 22.28 1.29
CA ALA B 38 32.49 23.64 1.26
C ALA B 38 32.20 24.36 2.57
N ASP B 39 33.18 25.13 3.03
CA ASP B 39 33.05 25.98 4.21
C ASP B 39 32.34 25.30 5.39
N GLY B 40 32.81 24.08 5.73
CA GLY B 40 32.32 23.33 6.88
C GLY B 40 30.97 22.63 6.69
N THR B 41 30.50 22.57 5.44
CA THR B 41 29.14 22.12 5.15
C THR B 41 29.07 21.15 3.95
N LEU B 42 28.26 20.10 4.10
CA LEU B 42 27.87 19.26 2.97
C LEU B 42 26.53 19.72 2.41
N SER B 43 26.52 20.07 1.12
CA SER B 43 25.30 20.35 0.38
C SER B 43 24.94 19.18 -0.54
N LEU B 44 23.66 18.82 -0.54
CA LEU B 44 23.14 17.79 -1.44
C LEU B 44 22.06 18.41 -2.31
N THR B 45 22.16 18.23 -3.63
CA THR B 45 21.17 18.79 -4.54
C THR B 45 20.54 17.74 -5.45
N GLY B 46 19.21 17.78 -5.52
CA GLY B 46 18.45 16.99 -6.47
C GLY B 46 17.70 17.94 -7.38
N THR B 47 17.49 17.52 -8.63
CA THR B 47 16.75 18.34 -9.59
C THR B 47 16.11 17.49 -10.68
N ASP B 48 15.02 18.00 -11.27
CA ASP B 48 14.44 17.41 -12.46
C ASP B 48 14.29 18.45 -13.58
N LEU B 49 15.10 19.51 -13.49
CA LEU B 49 15.08 20.65 -14.43
C LEU B 49 13.91 21.64 -14.25
N GLU B 50 12.79 21.13 -13.72
CA GLU B 50 11.64 21.95 -13.40
C GLU B 50 11.78 22.56 -12.00
N MET B 51 12.28 21.76 -11.07
CA MET B 51 12.46 22.16 -9.68
C MET B 51 13.70 21.54 -9.07
N GLU B 52 14.09 22.04 -7.91
CA GLU B 52 15.33 21.68 -7.28
C GLU B 52 15.19 21.72 -5.75
N MET B 53 15.82 20.78 -5.06
CA MET B 53 15.92 20.81 -3.60
C MET B 53 17.38 20.80 -3.19
N VAL B 54 17.74 21.69 -2.27
CA VAL B 54 19.10 21.75 -1.72
C VAL B 54 19.03 21.56 -0.21
N ALA B 55 19.78 20.57 0.29
CA ALA B 55 19.84 20.32 1.73
C ALA B 55 21.26 20.52 2.25
N ARG B 56 21.36 21.13 3.43
CA ARG B 56 22.66 21.36 4.06
C ARG B 56 22.85 20.56 5.33
N VAL B 57 24.05 19.97 5.45
CA VAL B 57 24.43 19.19 6.63
C VAL B 57 25.72 19.78 7.19
N ALA B 58 25.69 20.12 8.47
CA ALA B 58 26.85 20.64 9.17
C ALA B 58 27.87 19.53 9.34
N LEU B 59 29.14 19.82 9.07
CA LEU B 59 30.19 18.83 9.17
C LEU B 59 31.04 19.06 10.42
N VAL B 60 30.79 18.26 11.45
CA VAL B 60 31.47 18.42 12.75
C VAL B 60 32.78 17.63 12.77
N GLN B 61 32.92 16.68 11.84
CA GLN B 61 34.11 15.86 11.74
C GLN B 61 35.00 16.37 10.61
N PRO B 62 36.31 16.02 10.66
CA PRO B 62 37.25 16.47 9.63
C PRO B 62 36.73 16.18 8.22
N HIS B 63 36.98 17.12 7.31
CA HIS B 63 36.45 17.02 5.96
C HIS B 63 37.40 17.68 4.97
N GLU B 64 37.20 17.39 3.69
CA GLU B 64 38.00 17.99 2.62
C GLU B 64 37.07 18.46 1.50
N PRO B 65 37.31 19.66 0.96
CA PRO B 65 36.39 20.23 -0.02
C PRO B 65 36.38 19.51 -1.38
N GLY B 66 35.34 19.78 -2.17
CA GLY B 66 35.17 19.16 -3.47
C GLY B 66 33.70 18.94 -3.79
N ALA B 67 33.44 18.45 -5.00
CA ALA B 67 32.09 18.17 -5.45
C ALA B 67 32.05 17.02 -6.45
N THR B 68 31.00 16.22 -6.36
CA THR B 68 30.70 15.16 -7.32
C THR B 68 29.19 14.94 -7.39
N THR B 69 28.75 14.09 -8.31
CA THR B 69 27.37 13.60 -8.33
C THR B 69 27.35 12.07 -8.31
N VAL B 70 26.42 11.49 -7.53
CA VAL B 70 26.24 10.03 -7.45
C VAL B 70 24.79 9.60 -7.64
N PRO B 71 24.56 8.34 -8.08
CA PRO B 71 23.18 7.84 -8.19
C PRO B 71 22.39 8.04 -6.90
N ALA B 72 21.27 8.74 -7.00
CA ALA B 72 20.46 9.11 -5.82
C ALA B 72 19.85 7.91 -5.08
N ARG B 73 19.15 7.06 -5.82
CA ARG B 73 18.45 5.92 -5.22
C ARG B 73 19.43 4.92 -4.54
N LYS B 74 20.52 4.59 -5.24
CA LYS B 74 21.52 3.68 -4.71
C LYS B 74 22.21 4.23 -3.46
N PHE B 75 22.63 5.50 -3.51
CA PHE B 75 23.30 6.13 -2.38
C PHE B 75 22.37 6.25 -1.18
N PHE B 76 21.12 6.62 -1.44
CA PHE B 76 20.07 6.67 -0.41
C PHE B 76 19.85 5.28 0.19
N ASP B 77 19.69 4.28 -0.67
CA ASP B 77 19.45 2.91 -0.22
C ASP B 77 20.60 2.32 0.57
N ILE B 78 21.84 2.62 0.16
CA ILE B 78 23.03 2.21 0.91
C ILE B 78 23.00 2.81 2.31
N CYS B 79 22.80 4.12 2.40
CA CYS B 79 22.80 4.81 3.69
C CYS B 79 21.69 4.31 4.60
N ARG B 80 20.49 4.14 4.04
CA ARG B 80 19.33 3.63 4.80
C ARG B 80 19.54 2.18 5.23
N GLY B 81 20.21 1.39 4.39
CA GLY B 81 20.51 -0.01 4.71
C GLY B 81 21.55 -0.25 5.80
N LEU B 82 22.42 0.73 6.05
CA LEU B 82 23.43 0.61 7.10
C LEU B 82 22.79 0.70 8.49
N PRO B 83 23.45 0.15 9.53
CA PRO B 83 22.83 0.07 10.85
C PRO B 83 22.56 1.44 11.49
N GLU B 84 21.55 1.50 12.35
CA GLU B 84 21.22 2.71 13.11
C GLU B 84 22.45 3.20 13.85
N GLY B 85 22.76 4.49 13.70
CA GLY B 85 23.89 5.10 14.39
C GLY B 85 25.22 5.03 13.67
N ALA B 86 25.28 4.25 12.58
CA ALA B 86 26.52 4.07 11.83
C ALA B 86 27.15 5.39 11.40
N GLU B 87 28.47 5.41 11.35
CA GLU B 87 29.23 6.53 10.81
C GLU B 87 29.49 6.22 9.35
N ILE B 88 29.21 7.18 8.48
CA ILE B 88 29.39 6.98 7.05
C ILE B 88 30.51 7.86 6.54
N ALA B 89 31.60 7.21 6.10
CA ALA B 89 32.77 7.90 5.58
C ALA B 89 32.75 7.83 4.05
N VAL B 90 32.93 8.98 3.43
CA VAL B 90 32.83 9.13 1.99
C VAL B 90 34.06 9.85 1.46
N GLN B 91 34.67 9.30 0.40
CA GLN B 91 35.73 9.98 -0.33
C GLN B 91 35.66 9.68 -1.83
N LEU B 92 36.12 10.65 -2.63
CA LEU B 92 36.29 10.45 -4.08
C LEU B 92 37.53 9.63 -4.36
N GLU B 93 37.44 8.73 -5.33
CA GLU B 93 38.56 7.91 -5.75
C GLU B 93 38.48 7.69 -7.26
N GLY B 94 39.11 8.60 -7.99
CA GLY B 94 39.06 8.60 -9.46
C GLY B 94 37.66 8.93 -9.94
N GLU B 95 37.11 8.05 -10.76
CA GLU B 95 35.75 8.18 -11.28
C GLU B 95 34.70 7.60 -10.32
N ARG B 96 35.15 7.10 -9.17
CA ARG B 96 34.27 6.45 -8.21
C ARG B 96 34.09 7.25 -6.94
N MET B 97 32.97 7.01 -6.24
CA MET B 97 32.80 7.51 -4.88
C MET B 97 32.74 6.35 -3.89
N LEU B 98 33.69 6.37 -2.96
CA LEU B 98 33.82 5.32 -1.97
C LEU B 98 32.96 5.66 -0.75
N VAL B 99 32.18 4.68 -0.30
CA VAL B 99 31.34 4.81 0.90
C VAL B 99 31.67 3.67 1.85
N ARG B 100 32.16 4.00 3.05
CA ARG B 100 32.54 2.99 4.03
C ARG B 100 31.90 3.25 5.38
N SER B 101 31.56 2.15 6.04
CA SER B 101 30.95 2.18 7.36
C SER B 101 31.12 0.78 7.92
N GLY B 102 31.82 0.67 9.05
CA GLY B 102 32.18 -0.62 9.63
C GLY B 102 32.99 -1.45 8.63
N ARG B 103 32.52 -2.66 8.35
CA ARG B 103 33.18 -3.51 7.35
CA ARG B 103 33.15 -3.56 7.39
C ARG B 103 32.31 -3.66 6.12
N SER B 104 31.56 -2.60 5.83
CA SER B 104 30.77 -2.49 4.62
C SER B 104 31.46 -1.46 3.74
N ARG B 105 31.65 -1.81 2.47
CA ARG B 105 32.32 -0.91 1.53
C ARG B 105 31.57 -0.87 0.20
N PHE B 106 31.42 0.32 -0.35
CA PHE B 106 30.66 0.52 -1.57
C PHE B 106 31.41 1.46 -2.50
N SER B 107 31.47 1.09 -3.76
CA SER B 107 32.09 1.94 -4.76
C SER B 107 31.02 2.31 -5.77
N LEU B 108 30.68 3.59 -5.84
CA LEU B 108 29.61 4.07 -6.73
C LEU B 108 30.17 4.86 -7.90
N SER B 109 29.51 4.73 -9.05
CA SER B 109 29.83 5.53 -10.22
C SER B 109 29.55 7.01 -9.96
N THR B 110 30.32 7.88 -10.63
CA THR B 110 30.06 9.31 -10.55
C THR B 110 29.90 9.93 -11.93
N LEU B 111 29.22 11.08 -11.96
CA LEU B 111 29.19 11.97 -13.11
C LEU B 111 29.68 13.33 -12.63
N PRO B 112 30.39 14.09 -13.51
CA PRO B 112 30.98 15.37 -13.09
C PRO B 112 29.99 16.38 -12.51
N ALA B 113 30.44 17.07 -11.46
CA ALA B 113 29.65 18.12 -10.81
C ALA B 113 29.40 19.28 -11.75
N ALA B 114 30.36 19.54 -12.64
CA ALA B 114 30.25 20.53 -13.72
C ALA B 114 29.07 20.26 -14.66
N ASP B 115 28.71 18.99 -14.80
CA ASP B 115 27.58 18.59 -15.65
C ASP B 115 26.23 18.73 -14.96
N PHE B 116 26.22 18.94 -13.65
CA PHE B 116 24.94 19.04 -12.91
C PHE B 116 24.25 20.36 -13.28
N PRO B 117 23.02 20.28 -13.82
CA PRO B 117 22.33 21.45 -14.36
C PRO B 117 21.89 22.42 -13.27
N ASN B 118 21.88 23.72 -13.60
CA ASN B 118 21.38 24.74 -12.70
C ASN B 118 20.11 25.38 -13.21
N LEU B 119 19.22 25.74 -12.29
CA LEU B 119 18.07 26.55 -12.66
C LEU B 119 18.57 27.93 -13.07
N ASP B 120 17.83 28.60 -13.95
CA ASP B 120 18.20 29.95 -14.36
C ASP B 120 18.20 30.89 -13.16
N ASP B 121 19.13 31.84 -13.18
CA ASP B 121 19.19 32.89 -12.18
C ASP B 121 17.95 33.77 -12.29
N TRP B 122 17.48 34.30 -11.16
CA TRP B 122 16.25 35.11 -11.14
C TRP B 122 16.22 36.05 -9.94
N GLN B 123 15.31 37.03 -9.98
CA GLN B 123 15.15 37.99 -8.88
C GLN B 123 13.85 37.77 -8.10
N SER B 124 13.96 37.83 -6.77
CA SER B 124 12.82 37.74 -5.89
C SER B 124 12.07 39.07 -5.94
N GLU B 125 10.77 39.00 -6.22
CA GLU B 125 9.94 40.20 -6.33
C GLU B 125 8.99 40.38 -5.14
N VAL B 126 8.48 39.27 -4.62
CA VAL B 126 7.58 39.29 -3.46
C VAL B 126 8.02 38.26 -2.43
N GLU B 127 8.04 38.67 -1.17
CA GLU B 127 8.53 37.81 -0.08
C GLU B 127 7.64 37.88 1.16
N PHE B 128 7.53 36.75 1.85
CA PHE B 128 6.88 36.69 3.15
C PHE B 128 7.37 35.49 3.95
N THR B 129 7.14 35.56 5.26
CA THR B 129 7.44 34.47 6.18
C THR B 129 6.13 34.08 6.84
N LEU B 130 5.95 32.79 7.06
CA LEU B 130 4.78 32.28 7.76
C LEU B 130 5.14 30.97 8.45
N PRO B 131 4.36 30.56 9.48
CA PRO B 131 4.59 29.27 10.10
C PRO B 131 4.41 28.15 9.08
N GLN B 132 5.25 27.11 9.18
CA GLN B 132 5.14 25.94 8.31
C GLN B 132 3.74 25.33 8.36
N ALA B 133 3.15 25.32 9.55
CA ALA B 133 1.84 24.73 9.78
C ALA B 133 0.75 25.43 8.95
N THR B 134 0.91 26.75 8.77
CA THR B 134 -0.01 27.55 7.95
C THR B 134 0.07 27.18 6.48
N MET B 135 1.28 27.04 5.95
CA MET B 135 1.49 26.59 4.56
C MET B 135 0.98 25.17 4.35
N LYS B 136 1.25 24.30 5.32
CA LYS B 136 0.74 22.93 5.28
C LYS B 136 -0.80 22.90 5.25
N ARG B 137 -1.41 23.74 6.09
CA ARG B 137 -2.85 23.88 6.12
C ARG B 137 -3.41 24.36 4.77
N LEU B 138 -2.77 25.37 4.19
CA LEU B 138 -3.20 25.92 2.89
C LEU B 138 -3.17 24.90 1.76
N ILE B 139 -2.08 24.15 1.66
CA ILE B 139 -1.90 23.15 0.60
C ILE B 139 -2.83 21.94 0.78
N GLU B 140 -2.88 21.40 2.00
CA GLU B 140 -3.72 20.25 2.34
C GLU B 140 -5.18 20.49 2.04
N ALA B 141 -5.64 21.69 2.32
CA ALA B 141 -7.04 22.03 2.14
C ALA B 141 -7.47 22.00 0.68
N THR B 142 -6.53 22.19 -0.25
CA THR B 142 -6.89 22.40 -1.66
C THR B 142 -6.29 21.41 -2.66
N GLN B 143 -5.16 20.80 -2.29
CA GLN B 143 -4.35 19.92 -3.16
C GLN B 143 -5.14 18.91 -4.01
N PHE B 144 -6.10 18.23 -3.40
CA PHE B 144 -6.87 17.18 -4.06
C PHE B 144 -7.69 17.69 -5.25
N SER B 145 -7.97 19.00 -5.30
CA SER B 145 -8.77 19.56 -6.40
C SER B 145 -7.96 20.02 -7.64
N MET B 146 -6.64 19.88 -7.60
CA MET B 146 -5.80 20.17 -8.77
C MET B 146 -6.05 19.16 -9.89
N ALA B 147 -5.99 19.62 -11.14
CA ALA B 147 -6.03 18.72 -12.30
C ALA B 147 -4.74 17.89 -12.43
N HIS B 148 -4.85 16.72 -13.06
CA HIS B 148 -3.71 15.84 -13.38
C HIS B 148 -3.55 15.75 -14.90
N GLN B 149 -2.43 16.24 -15.42
CA GLN B 149 -2.11 16.11 -16.86
C GLN B 149 -3.27 16.51 -17.77
N ASP B 150 -3.98 17.58 -17.40
CA ASP B 150 -5.01 18.14 -18.25
C ASP B 150 -4.33 18.94 -19.37
N VAL B 151 -4.92 18.92 -20.56
CA VAL B 151 -4.42 19.72 -21.69
C VAL B 151 -4.30 21.20 -21.31
N ARG B 152 -5.28 21.71 -20.54
CA ARG B 152 -5.19 23.03 -19.96
C ARG B 152 -4.14 23.00 -18.85
N TYR B 153 -2.90 23.22 -19.27
CA TYR B 153 -1.72 23.10 -18.42
C TYR B 153 -1.78 23.99 -17.18
N TYR B 154 -2.55 25.08 -17.27
CA TYR B 154 -2.70 26.05 -16.19
C TYR B 154 -3.51 25.56 -14.98
N LEU B 155 -4.10 24.38 -15.11
CA LEU B 155 -4.89 23.77 -14.02
C LEU B 155 -4.11 22.68 -13.31
N ASN B 156 -3.02 22.24 -13.94
CA ASN B 156 -2.16 21.18 -13.36
C ASN B 156 -1.22 21.75 -12.32
N GLY B 157 -1.79 22.42 -11.33
CA GLY B 157 -1.03 23.11 -10.31
C GLY B 157 -1.97 23.85 -9.37
N MET B 158 -1.41 24.73 -8.55
CA MET B 158 -2.18 25.42 -7.51
C MET B 158 -1.89 26.90 -7.56
N LEU B 159 -2.95 27.72 -7.47
CA LEU B 159 -2.78 29.17 -7.40
C LEU B 159 -2.37 29.57 -5.98
N PHE B 160 -1.36 30.43 -5.90
CA PHE B 160 -0.97 31.08 -4.67
C PHE B 160 -1.20 32.57 -4.85
N GLU B 161 -2.09 33.11 -4.05
CA GLU B 161 -2.50 34.50 -4.17
C GLU B 161 -2.27 35.26 -2.87
N THR B 162 -1.61 36.41 -2.98
CA THR B 162 -1.44 37.30 -1.85
C THR B 162 -2.39 38.49 -2.00
N GLU B 163 -2.98 38.91 -0.88
CA GLU B 163 -3.91 40.04 -0.87
C GLU B 163 -4.02 40.56 0.57
N GLY B 164 -3.71 41.83 0.76
CA GLY B 164 -3.68 42.45 2.09
C GLY B 164 -2.66 41.76 2.99
N GLU B 165 -3.13 41.07 4.02
CA GLU B 165 -2.24 40.32 4.89
C GLU B 165 -2.54 38.82 4.82
N GLU B 166 -3.18 38.40 3.74
CA GLU B 166 -3.59 37.01 3.62
C GLU B 166 -2.92 36.27 2.47
N LEU B 167 -2.64 34.99 2.70
CA LEU B 167 -2.22 34.09 1.62
C LEU B 167 -3.36 33.14 1.30
N ARG B 168 -3.65 32.97 0.02
CA ARG B 168 -4.73 32.10 -0.43
C ARG B 168 -4.27 31.06 -1.46
N THR B 169 -4.77 29.84 -1.30
CA THR B 169 -4.55 28.81 -2.32
C THR B 169 -5.87 28.48 -3.01
N VAL B 170 -5.80 28.29 -4.32
CA VAL B 170 -6.95 27.83 -5.10
C VAL B 170 -6.53 26.62 -5.96
N ALA B 171 -7.44 25.65 -6.06
CA ALA B 171 -7.22 24.48 -6.90
C ALA B 171 -8.53 24.08 -7.57
N THR B 172 -8.46 23.82 -8.88
CA THR B 172 -9.62 23.37 -9.64
C THR B 172 -9.19 22.51 -10.83
N ASP B 173 -10.02 21.53 -11.17
CA ASP B 173 -9.73 20.62 -12.29
C ASP B 173 -10.64 20.90 -13.48
N GLY B 174 -11.41 21.99 -13.37
CA GLY B 174 -12.40 22.33 -14.38
C GLY B 174 -13.78 21.78 -14.05
N HIS B 175 -13.89 21.11 -12.90
CA HIS B 175 -15.16 20.47 -12.50
C HIS B 175 -15.58 20.81 -11.08
N ARG B 176 -14.63 20.78 -10.17
CA ARG B 176 -14.87 21.24 -8.79
C ARG B 176 -13.73 22.16 -8.33
N LEU B 177 -13.97 22.90 -7.26
CA LEU B 177 -13.01 23.89 -6.79
C LEU B 177 -12.82 23.86 -5.28
N ALA B 178 -11.58 24.09 -4.88
CA ALA B 178 -11.20 24.24 -3.47
C ALA B 178 -10.50 25.58 -3.29
N VAL B 179 -10.77 26.25 -2.18
CA VAL B 179 -10.14 27.53 -1.84
C VAL B 179 -9.83 27.58 -0.33
N CYS B 180 -8.64 28.06 0.01
CA CYS B 180 -8.27 28.25 1.41
C CYS B 180 -7.49 29.54 1.60
N SER B 181 -7.87 30.30 2.63
CA SER B 181 -7.24 31.60 2.92
C SER B 181 -6.88 31.69 4.39
N MET B 182 -5.70 32.22 4.67
CA MET B 182 -5.19 32.38 6.03
C MET B 182 -4.49 33.72 6.16
N PRO B 183 -4.78 34.46 7.25
CA PRO B 183 -4.01 35.69 7.53
C PRO B 183 -2.59 35.31 7.95
N ILE B 184 -1.60 36.10 7.53
CA ILE B 184 -0.19 35.79 7.84
C ILE B 184 0.59 36.94 8.51
N GLY B 185 -0.12 37.99 8.89
CA GLY B 185 0.44 39.07 9.70
C GLY B 185 1.51 39.91 9.03
N GLN B 186 1.43 40.04 7.70
CA GLN B 186 2.35 40.91 6.96
C GLN B 186 1.63 41.51 5.76
N SER B 187 1.83 42.81 5.54
CA SER B 187 1.24 43.49 4.40
C SER B 187 1.89 43.02 3.09
N LEU B 188 1.07 42.59 2.15
CA LEU B 188 1.55 41.97 0.92
C LEU B 188 0.99 42.70 -0.30
N PRO B 189 1.73 42.64 -1.42
CA PRO B 189 1.17 43.14 -2.66
C PRO B 189 0.07 42.21 -3.17
N SER B 190 -0.86 42.75 -3.95
CA SER B 190 -1.87 41.92 -4.59
CA SER B 190 -1.88 41.95 -4.61
C SER B 190 -1.24 41.21 -5.78
N HIS B 191 -1.04 39.89 -5.63
CA HIS B 191 -0.30 39.10 -6.60
C HIS B 191 -0.80 37.65 -6.63
N SER B 192 -0.59 36.96 -7.74
CA SER B 192 -0.87 35.52 -7.79
C SER B 192 -0.02 34.78 -8.81
N VAL B 193 0.39 33.57 -8.42
CA VAL B 193 1.20 32.69 -9.25
C VAL B 193 0.63 31.27 -9.25
N ILE B 194 0.99 30.48 -10.26
CA ILE B 194 0.58 29.09 -10.32
C ILE B 194 1.80 28.20 -10.09
N VAL B 195 1.73 27.39 -9.04
CA VAL B 195 2.80 26.44 -8.71
C VAL B 195 2.43 25.08 -9.33
N PRO B 196 3.34 24.49 -10.13
CA PRO B 196 3.08 23.18 -10.75
C PRO B 196 2.81 22.10 -9.72
N ARG B 197 1.92 21.17 -10.06
CA ARG B 197 1.45 20.20 -9.07
C ARG B 197 2.57 19.38 -8.41
N LYS B 198 3.58 18.98 -9.19
CA LYS B 198 4.74 18.26 -8.64
C LYS B 198 5.51 19.13 -7.64
N GLY B 199 5.57 20.43 -7.94
CA GLY B 199 6.17 21.42 -7.06
C GLY B 199 5.41 21.56 -5.76
N VAL B 200 4.08 21.63 -5.88
CA VAL B 200 3.18 21.67 -4.70
C VAL B 200 3.43 20.44 -3.82
N ILE B 201 3.45 19.27 -4.43
CA ILE B 201 3.73 18.00 -3.74
C ILE B 201 5.09 18.01 -3.02
N GLU B 202 6.16 18.42 -3.72
CA GLU B 202 7.50 18.51 -3.12
C GLU B 202 7.55 19.50 -1.96
N LEU B 203 6.95 20.68 -2.16
CA LEU B 203 6.91 21.72 -1.14
C LEU B 203 6.25 21.17 0.12
N MET B 204 5.10 20.53 -0.06
CA MET B 204 4.38 19.88 1.02
C MET B 204 5.28 18.95 1.86
N ARG B 205 6.02 18.06 1.21
CA ARG B 205 6.81 17.10 1.97
C ARG B 205 8.08 17.68 2.60
N MET B 206 8.47 18.90 2.19
CA MET B 206 9.60 19.60 2.78
CA MET B 206 9.60 19.58 2.79
C MET B 206 9.24 20.16 4.16
N LEU B 207 7.95 20.21 4.46
CA LEU B 207 7.44 20.79 5.70
C LEU B 207 7.21 19.74 6.79
N ASP B 208 7.97 19.83 7.87
CA ASP B 208 7.71 19.00 9.06
C ASP B 208 6.67 19.64 9.98
N GLY B 209 6.32 20.91 9.72
CA GLY B 209 5.31 21.62 10.50
C GLY B 209 5.85 22.25 11.78
N GLY B 210 7.14 22.08 12.00
CA GLY B 210 7.81 22.44 13.26
C GLY B 210 8.06 23.91 13.48
N ASP B 211 9.13 24.20 14.22
CA ASP B 211 9.35 25.56 14.72
C ASP B 211 10.18 26.47 13.81
N ASN B 212 10.82 25.89 12.80
CA ASN B 212 11.50 26.66 11.77
C ASN B 212 10.50 27.44 10.93
N PRO B 213 10.64 28.78 10.85
CA PRO B 213 9.77 29.54 9.96
C PRO B 213 10.03 29.20 8.49
N LEU B 214 9.02 29.39 7.66
CA LEU B 214 9.16 29.21 6.22
C LEU B 214 9.26 30.58 5.55
N ARG B 215 10.32 30.76 4.77
CA ARG B 215 10.45 31.96 3.95
C ARG B 215 10.15 31.64 2.49
N VAL B 216 9.24 32.43 1.93
CA VAL B 216 8.83 32.26 0.55
C VAL B 216 9.30 33.46 -0.27
N GLN B 217 9.91 33.17 -1.41
CA GLN B 217 10.33 34.20 -2.33
C GLN B 217 9.75 33.90 -3.70
N ILE B 218 9.06 34.88 -4.27
CA ILE B 218 8.39 34.71 -5.56
C ILE B 218 8.98 35.67 -6.59
N GLY B 219 9.41 35.12 -7.72
CA GLY B 219 9.89 35.91 -8.85
C GLY B 219 8.87 35.87 -9.97
N SER B 220 9.19 36.53 -11.09
CA SER B 220 8.25 36.56 -12.21
C SER B 220 8.02 35.16 -12.82
N ASN B 221 9.00 34.28 -12.71
CA ASN B 221 8.90 32.93 -13.28
C ASN B 221 9.27 31.79 -12.33
N ASN B 222 9.59 32.12 -11.08
CA ASN B 222 10.03 31.12 -10.11
C ASN B 222 9.41 31.33 -8.73
N ILE B 223 9.47 30.28 -7.91
CA ILE B 223 9.15 30.38 -6.50
C ILE B 223 10.20 29.61 -5.70
N ARG B 224 10.53 30.14 -4.53
CA ARG B 224 11.47 29.51 -3.64
C ARG B 224 10.95 29.46 -2.21
N ALA B 225 11.16 28.32 -1.55
CA ALA B 225 10.82 28.18 -0.14
C ALA B 225 12.02 27.71 0.67
N HIS B 226 12.34 28.44 1.73
CA HIS B 226 13.45 28.13 2.64
CA HIS B 226 13.45 28.12 2.62
C HIS B 226 12.92 27.73 4.02
N VAL B 227 13.31 26.56 4.48
CA VAL B 227 13.00 26.14 5.85
C VAL B 227 14.27 25.51 6.43
N GLY B 228 14.81 26.14 7.48
CA GLY B 228 16.02 25.65 8.13
C GLY B 228 17.09 25.28 7.13
N ASP B 229 17.46 24.00 7.09
CA ASP B 229 18.53 23.49 6.24
C ASP B 229 18.14 23.17 4.79
N PHE B 230 16.90 23.46 4.41
CA PHE B 230 16.39 23.05 3.09
C PHE B 230 15.94 24.24 2.25
N ILE B 231 16.29 24.23 0.97
CA ILE B 231 15.86 25.28 0.04
C ILE B 231 15.24 24.64 -1.20
N PHE B 232 13.95 24.93 -1.41
CA PHE B 232 13.22 24.44 -2.56
C PHE B 232 13.02 25.55 -3.58
N THR B 233 13.34 25.27 -4.85
CA THR B 233 13.08 26.21 -5.94
C THR B 233 12.35 25.52 -7.08
N SER B 234 11.35 26.18 -7.63
CA SER B 234 10.58 25.66 -8.75
C SER B 234 10.26 26.75 -9.77
N LYS B 235 10.15 26.35 -11.03
CA LYS B 235 9.52 27.18 -12.08
C LYS B 235 8.03 27.32 -11.76
N LEU B 236 7.46 28.46 -12.14
CA LEU B 236 6.02 28.63 -12.11
C LEU B 236 5.39 28.16 -13.41
N VAL B 237 4.09 27.86 -13.37
CA VAL B 237 3.33 27.60 -14.58
C VAL B 237 2.99 28.95 -15.22
N ASP B 238 3.51 29.16 -16.43
CA ASP B 238 3.34 30.41 -17.13
C ASP B 238 2.01 30.39 -17.90
N GLY B 239 0.93 30.75 -17.20
CA GLY B 239 -0.42 30.79 -17.77
C GLY B 239 -1.39 31.60 -16.93
N ARG B 240 -2.64 31.68 -17.39
CA ARG B 240 -3.69 32.37 -16.64
C ARG B 240 -4.55 31.38 -15.88
N PHE B 241 -4.81 31.69 -14.61
CA PHE B 241 -5.70 30.87 -13.78
C PHE B 241 -7.11 31.44 -13.79
N PRO B 242 -8.15 30.57 -13.83
CA PRO B 242 -9.54 31.03 -13.74
C PRO B 242 -9.80 31.80 -12.45
N ASP B 243 -10.72 32.76 -12.50
CA ASP B 243 -11.09 33.52 -11.30
C ASP B 243 -12.04 32.68 -10.46
N TYR B 244 -11.64 32.39 -9.22
CA TYR B 244 -12.41 31.52 -8.32
C TYR B 244 -13.72 32.18 -7.89
N ARG B 245 -13.71 33.51 -7.86
CA ARG B 245 -14.82 34.30 -7.37
C ARG B 245 -16.09 34.14 -8.20
N ARG B 246 -15.91 33.80 -9.47
CA ARG B 246 -17.04 33.67 -10.39
C ARG B 246 -17.81 32.37 -10.19
N VAL B 247 -17.16 31.40 -9.56
CA VAL B 247 -17.72 30.08 -9.32
C VAL B 247 -18.48 29.99 -7.98
N LEU B 248 -18.17 30.87 -7.03
CA LEU B 248 -18.84 30.86 -5.73
C LEU B 248 -20.30 31.32 -5.86
N PRO B 249 -21.25 30.52 -5.34
CA PRO B 249 -22.69 30.86 -5.42
C PRO B 249 -23.01 32.21 -4.79
N LYS B 250 -23.75 33.04 -5.54
CA LYS B 250 -23.96 34.45 -5.17
C LYS B 250 -24.47 34.63 -3.75
N ASN B 251 -25.62 34.04 -3.45
CA ASN B 251 -26.20 34.21 -2.13
C ASN B 251 -26.86 32.93 -1.58
N PRO B 252 -26.04 31.94 -1.19
CA PRO B 252 -26.60 30.67 -0.70
C PRO B 252 -27.28 30.83 0.67
N ASP B 253 -28.62 30.93 0.66
CA ASP B 253 -29.40 31.23 1.86
C ASP B 253 -29.99 30.00 2.55
N LYS B 254 -29.59 28.81 2.10
CA LYS B 254 -30.14 27.55 2.64
C LYS B 254 -29.05 26.64 3.23
N HIS B 255 -28.72 26.91 4.48
CA HIS B 255 -27.63 26.22 5.17
C HIS B 255 -28.06 24.96 5.88
N LEU B 256 -27.58 23.83 5.37
CA LEU B 256 -27.69 22.55 6.07
C LEU B 256 -26.43 22.36 6.90
N GLU B 257 -26.61 21.98 8.17
CA GLU B 257 -25.48 21.63 9.03
C GLU B 257 -25.64 20.22 9.60
N ALA B 258 -24.57 19.44 9.55
CA ALA B 258 -24.58 18.08 10.07
C ALA B 258 -23.17 17.63 10.48
N GLY B 259 -23.12 16.62 11.33
CA GLY B 259 -21.87 15.97 11.72
C GLY B 259 -21.17 15.44 10.49
N CYS B 260 -19.89 15.79 10.36
CA CYS B 260 -19.10 15.45 9.17
C CYS B 260 -19.09 13.96 8.89
N ASP B 261 -18.76 13.16 9.92
CA ASP B 261 -18.62 11.72 9.77
C ASP B 261 -19.92 11.03 9.40
N LEU B 262 -21.03 11.42 10.02
CA LEU B 262 -22.33 10.84 9.70
C LEU B 262 -22.76 11.21 8.28
N LEU B 263 -22.50 12.45 7.90
CA LEU B 263 -22.76 12.88 6.53
C LEU B 263 -21.94 12.06 5.53
N LYS B 264 -20.65 11.89 5.85
CA LYS B 264 -19.71 11.14 5.02
C LYS B 264 -20.09 9.66 4.87
N GLN B 265 -20.45 9.01 5.98
CA GLN B 265 -20.80 7.59 5.95
C GLN B 265 -22.07 7.32 5.15
N ALA B 266 -23.05 8.22 5.29
CA ALA B 266 -24.28 8.16 4.51
C ALA B 266 -24.02 8.27 3.00
N PHE B 267 -23.21 9.26 2.61
CA PHE B 267 -22.80 9.43 1.21
C PHE B 267 -21.98 8.24 0.70
N ALA B 268 -21.06 7.73 1.52
CA ALA B 268 -20.21 6.61 1.14
C ALA B 268 -21.01 5.31 0.93
N ARG B 269 -22.03 5.12 1.76
CA ARG B 269 -22.95 3.98 1.60
C ARG B 269 -23.82 4.15 0.35
N ALA B 270 -24.42 5.32 0.18
CA ALA B 270 -25.28 5.58 -0.97
C ALA B 270 -24.51 5.49 -2.29
N ALA B 271 -23.24 5.89 -2.25
CA ALA B 271 -22.33 5.87 -3.41
C ALA B 271 -22.17 4.48 -4.03
N ILE B 272 -22.27 3.44 -3.20
CA ILE B 272 -22.14 2.06 -3.63
C ILE B 272 -23.13 1.72 -4.76
N LEU B 273 -24.32 2.31 -4.71
CA LEU B 273 -25.34 2.01 -5.72
C LEU B 273 -25.55 3.15 -6.72
N SER B 274 -24.56 4.05 -6.80
CA SER B 274 -24.58 5.14 -7.77
C SER B 274 -23.91 4.71 -9.08
N ASN B 275 -24.20 5.43 -10.16
CA ASN B 275 -23.52 5.22 -11.45
C ASN B 275 -21.99 5.27 -11.33
N GLU B 276 -21.32 4.23 -11.83
CA GLU B 276 -19.88 4.10 -11.65
C GLU B 276 -19.04 5.17 -12.35
N LYS B 277 -19.55 5.67 -13.48
CA LYS B 277 -18.88 6.70 -14.25
C LYS B 277 -19.21 8.11 -13.77
N PHE B 278 -20.50 8.38 -13.54
CA PHE B 278 -20.95 9.75 -13.32
C PHE B 278 -21.34 10.05 -11.87
N ARG B 279 -21.54 8.99 -11.09
CA ARG B 279 -21.54 9.06 -9.62
C ARG B 279 -22.55 10.04 -9.00
N GLY B 280 -23.67 10.23 -9.69
CA GLY B 280 -24.69 11.15 -9.24
C GLY B 280 -25.52 10.59 -8.10
N VAL B 281 -25.66 11.38 -7.04
CA VAL B 281 -26.62 11.12 -5.97
C VAL B 281 -27.52 12.34 -5.78
N ARG B 282 -28.74 12.09 -5.30
CA ARG B 282 -29.76 13.10 -5.12
C ARG B 282 -29.95 13.43 -3.66
N LEU B 283 -30.23 14.70 -3.39
CA LEU B 283 -30.50 15.20 -2.05
C LEU B 283 -31.92 15.75 -2.00
N TYR B 284 -32.67 15.33 -0.98
CA TYR B 284 -33.98 15.91 -0.68
C TYR B 284 -33.86 16.55 0.71
N VAL B 285 -33.92 17.87 0.75
CA VAL B 285 -33.76 18.58 2.00
C VAL B 285 -35.12 19.09 2.49
N SER B 286 -35.39 18.85 3.77
CA SER B 286 -36.61 19.30 4.42
C SER B 286 -36.26 19.67 5.85
N GLU B 287 -37.23 20.18 6.61
CA GLU B 287 -36.94 20.68 7.95
C GLU B 287 -36.24 19.64 8.82
N ASN B 288 -34.99 19.96 9.15
CA ASN B 288 -34.12 19.13 9.99
C ASN B 288 -33.93 17.69 9.52
N GLN B 289 -34.00 17.48 8.20
CA GLN B 289 -33.91 16.14 7.65
C GLN B 289 -33.27 16.18 6.26
N LEU B 290 -32.39 15.22 6.01
CA LEU B 290 -31.78 15.04 4.70
C LEU B 290 -31.97 13.61 4.25
N LYS B 291 -32.46 13.45 3.03
CA LYS B 291 -32.56 12.15 2.40
C LYS B 291 -31.64 12.11 1.18
N ILE B 292 -30.77 11.10 1.13
CA ILE B 292 -29.87 10.88 0.02
C ILE B 292 -30.30 9.63 -0.75
N THR B 293 -30.40 9.73 -2.07
CA THR B 293 -30.73 8.56 -2.89
C THR B 293 -29.74 8.39 -4.03
N ALA B 294 -29.50 7.13 -4.40
CA ALA B 294 -28.65 6.79 -5.52
C ALA B 294 -29.23 5.63 -6.29
N ASN B 295 -29.07 5.66 -7.61
CA ASN B 295 -29.36 4.49 -8.44
C ASN B 295 -28.38 4.35 -9.60
N ASN B 296 -28.26 3.12 -10.11
CA ASN B 296 -27.30 2.82 -11.17
C ASN B 296 -28.02 2.24 -12.40
N PRO B 297 -27.29 2.01 -13.51
CA PRO B 297 -27.96 1.48 -14.71
C PRO B 297 -28.66 0.12 -14.51
N GLU B 298 -28.28 -0.63 -13.49
CA GLU B 298 -28.94 -1.90 -13.17
C GLU B 298 -30.17 -1.71 -12.29
N GLN B 299 -30.53 -0.46 -12.03
CA GLN B 299 -31.72 -0.12 -11.25
C GLN B 299 -31.67 -0.57 -9.79
N GLU B 300 -30.46 -0.79 -9.27
CA GLU B 300 -30.27 -0.95 -7.85
C GLU B 300 -30.40 0.42 -7.19
N GLU B 301 -30.92 0.45 -5.97
CA GLU B 301 -31.26 1.72 -5.33
C GLU B 301 -30.78 1.81 -3.89
N ALA B 302 -30.24 2.96 -3.52
CA ALA B 302 -29.84 3.25 -2.13
C ALA B 302 -30.61 4.46 -1.60
N GLU B 303 -30.94 4.43 -0.31
CA GLU B 303 -31.55 5.57 0.34
C GLU B 303 -31.02 5.72 1.76
N GLU B 304 -30.67 6.96 2.10
CA GLU B 304 -30.23 7.33 3.43
C GLU B 304 -31.06 8.49 3.96
N ILE B 305 -31.58 8.33 5.16
CA ILE B 305 -32.25 9.44 5.85
C ILE B 305 -31.48 9.73 7.12
N LEU B 306 -31.19 11.00 7.36
CA LEU B 306 -30.54 11.38 8.61
C LEU B 306 -31.06 12.72 9.13
N ASP B 307 -30.93 12.90 10.45
CA ASP B 307 -31.24 14.16 11.10
C ASP B 307 -30.11 15.15 10.82
N VAL B 308 -30.49 16.36 10.43
CA VAL B 308 -29.55 17.46 10.23
C VAL B 308 -30.13 18.73 10.85
N THR B 309 -29.37 19.81 10.89
CA THR B 309 -29.95 21.13 11.16
C THR B 309 -30.24 21.78 9.82
N TYR B 310 -31.51 22.12 9.58
CA TYR B 310 -31.95 22.79 8.37
C TYR B 310 -33.34 23.40 8.55
N SER B 311 -33.50 24.64 8.11
CA SER B 311 -34.78 25.33 8.25
C SER B 311 -35.23 26.05 6.99
N GLY B 312 -34.43 25.99 5.91
CA GLY B 312 -34.78 26.64 4.65
C GLY B 312 -35.93 26.00 3.89
N ALA B 313 -36.24 26.53 2.70
CA ALA B 313 -37.28 25.96 1.86
C ALA B 313 -36.91 24.54 1.43
N GLU B 314 -37.91 23.67 1.35
CA GLU B 314 -37.68 22.32 0.86
C GLU B 314 -37.13 22.38 -0.55
N MET B 315 -36.08 21.60 -0.81
CA MET B 315 -35.50 21.52 -2.14
C MET B 315 -34.87 20.16 -2.43
N GLU B 316 -34.53 19.97 -3.70
CA GLU B 316 -33.88 18.78 -4.17
C GLU B 316 -32.69 19.23 -5.02
N ILE B 317 -31.61 18.45 -4.99
CA ILE B 317 -30.40 18.77 -5.75
C ILE B 317 -29.54 17.52 -5.91
N GLY B 318 -28.89 17.38 -7.07
CA GLY B 318 -27.99 16.26 -7.32
C GLY B 318 -26.54 16.71 -7.37
N PHE B 319 -25.63 15.83 -6.94
CA PHE B 319 -24.18 16.08 -7.00
C PHE B 319 -23.43 14.81 -7.38
N ASN B 320 -22.23 15.00 -7.94
CA ASN B 320 -21.25 13.94 -8.03
C ASN B 320 -20.82 13.59 -6.59
N VAL B 321 -21.16 12.38 -6.16
CA VAL B 321 -20.86 11.92 -4.81
C VAL B 321 -19.34 11.76 -4.56
N SER B 322 -18.57 11.45 -5.59
CA SER B 322 -17.10 11.37 -5.46
C SER B 322 -16.51 12.73 -5.08
N TYR B 323 -17.01 13.79 -5.69
CA TYR B 323 -16.56 15.16 -5.38
C TYR B 323 -16.90 15.59 -3.95
N VAL B 324 -18.07 15.19 -3.48
CA VAL B 324 -18.53 15.55 -2.15
C VAL B 324 -17.74 14.77 -1.08
N LEU B 325 -17.50 13.49 -1.34
CA LEU B 325 -16.67 12.69 -0.43
C LEU B 325 -15.24 13.21 -0.31
N ASP B 326 -14.63 13.61 -1.44
CA ASP B 326 -13.33 14.29 -1.44
C ASP B 326 -13.33 15.48 -0.47
N VAL B 327 -14.36 16.31 -0.58
CA VAL B 327 -14.52 17.46 0.32
C VAL B 327 -14.60 17.03 1.78
N LEU B 328 -15.46 16.06 2.07
CA LEU B 328 -15.70 15.64 3.46
C LEU B 328 -14.48 15.00 4.07
N ASN B 329 -13.70 14.29 3.24
CA ASN B 329 -12.42 13.73 3.68
C ASN B 329 -11.33 14.79 3.90
N ALA B 330 -11.40 15.88 3.15
CA ALA B 330 -10.46 16.99 3.32
C ALA B 330 -10.80 17.81 4.56
N LEU B 331 -12.09 17.97 4.86
CA LEU B 331 -12.55 18.80 5.96
C LEU B 331 -12.15 18.29 7.34
N LYS B 332 -12.22 16.98 7.55
CA LYS B 332 -11.77 16.34 8.81
C LYS B 332 -12.15 17.09 10.09
N CYS B 333 -13.37 17.61 10.14
CA CYS B 333 -13.84 18.39 11.29
C CYS B 333 -15.01 17.69 11.97
N GLU B 334 -15.65 18.38 12.91
CA GLU B 334 -16.77 17.77 13.61
C GLU B 334 -18.07 17.98 12.85
N ASN B 335 -18.25 19.19 12.31
CA ASN B 335 -19.49 19.58 11.68
C ASN B 335 -19.24 20.29 10.38
N VAL B 336 -20.09 20.01 9.41
CA VAL B 336 -19.98 20.56 8.06
C VAL B 336 -21.22 21.41 7.75
N ARG B 337 -21.02 22.49 7.01
CA ARG B 337 -22.15 23.24 6.48
C ARG B 337 -22.21 23.14 4.95
N MET B 338 -23.39 22.82 4.44
CA MET B 338 -23.65 22.78 3.01
C MET B 338 -24.53 23.98 2.67
N MET B 339 -23.98 24.90 1.89
CA MET B 339 -24.65 26.17 1.57
C MET B 339 -25.36 26.07 0.22
N LEU B 340 -26.69 25.94 0.30
CA LEU B 340 -27.54 25.62 -0.84
C LEU B 340 -28.37 26.82 -1.33
N THR B 341 -28.70 26.80 -2.62
CA THR B 341 -29.48 27.85 -3.26
C THR B 341 -30.74 27.23 -3.87
N ASP B 342 -30.58 26.45 -4.93
CA ASP B 342 -31.67 25.71 -5.55
C ASP B 342 -31.11 24.53 -6.32
N SER B 343 -32.00 23.81 -7.03
CA SER B 343 -31.63 22.60 -7.78
C SER B 343 -30.75 22.86 -9.00
N VAL B 344 -30.67 24.11 -9.44
CA VAL B 344 -29.89 24.45 -10.64
C VAL B 344 -28.62 25.24 -10.31
N SER B 345 -28.33 25.38 -9.02
CA SER B 345 -27.15 26.11 -8.54
C SER B 345 -26.17 25.19 -7.83
N SER B 346 -24.90 25.59 -7.85
CA SER B 346 -23.83 24.82 -7.20
CA SER B 346 -23.82 24.83 -7.21
C SER B 346 -23.96 24.88 -5.68
N VAL B 347 -23.16 24.07 -4.99
CA VAL B 347 -23.15 24.06 -3.53
C VAL B 347 -21.77 24.50 -3.04
N GLN B 348 -21.75 25.38 -2.04
CA GLN B 348 -20.53 25.67 -1.31
C GLN B 348 -20.52 24.84 -0.01
N ILE B 349 -19.39 24.20 0.26
CA ILE B 349 -19.24 23.36 1.43
C ILE B 349 -18.07 23.87 2.29
N GLU B 350 -18.31 23.91 3.60
CA GLU B 350 -17.33 24.44 4.57
C GLU B 350 -17.38 23.67 5.87
N ASP B 351 -16.32 23.80 6.66
CA ASP B 351 -16.38 23.46 8.07
C ASP B 351 -17.40 24.42 8.66
N ALA B 352 -18.35 23.89 9.43
CA ALA B 352 -19.38 24.75 10.03
C ALA B 352 -18.77 25.81 10.93
N ALA B 353 -17.61 25.51 11.52
CA ALA B 353 -16.98 26.39 12.50
C ALA B 353 -15.81 27.22 11.96
N SER B 354 -15.71 27.37 10.64
CA SER B 354 -14.58 28.08 10.00
C SER B 354 -14.84 28.39 8.53
N GLN B 355 -14.70 29.66 8.16
CA GLN B 355 -14.86 30.06 6.76
C GLN B 355 -13.55 30.02 5.97
N SER B 356 -12.47 29.56 6.60
CA SER B 356 -11.13 29.63 6.00
C SER B 356 -10.99 28.82 4.71
N ALA B 357 -11.61 27.65 4.68
CA ALA B 357 -11.65 26.81 3.50
C ALA B 357 -13.07 26.69 2.97
N ALA B 358 -13.22 26.70 1.65
CA ALA B 358 -14.52 26.59 1.02
C ALA B 358 -14.39 25.74 -0.24
N TYR B 359 -15.43 24.98 -0.55
CA TYR B 359 -15.40 24.02 -1.65
C TYR B 359 -16.67 24.17 -2.46
N VAL B 360 -16.54 24.24 -3.79
CA VAL B 360 -17.70 24.36 -4.67
C VAL B 360 -17.86 23.11 -5.53
N VAL B 361 -19.08 22.58 -5.57
CA VAL B 361 -19.43 21.42 -6.38
C VAL B 361 -20.62 21.77 -7.27
N MET B 362 -20.57 21.38 -8.54
CA MET B 362 -21.62 21.68 -9.52
C MET B 362 -22.90 20.86 -9.25
N PRO B 363 -24.08 21.40 -9.63
CA PRO B 363 -25.31 20.63 -9.51
C PRO B 363 -25.41 19.60 -10.63
N MET B 364 -26.04 18.48 -10.34
CA MET B 364 -26.33 17.48 -11.36
C MET B 364 -27.83 17.31 -11.53
N ARG B 365 -28.27 17.23 -12.79
CA ARG B 365 -29.64 16.91 -13.12
C ARG B 365 -29.77 15.42 -13.34
N LEU B 366 -30.42 14.75 -12.40
CA LEU B 366 -30.50 13.29 -12.41
C LEU B 366 -31.87 12.77 -12.84
#